data_5UTT
#
_entry.id   5UTT
#
_cell.length_a   62.183
_cell.length_b   75.085
_cell.length_c   77.652
_cell.angle_alpha   90.00
_cell.angle_beta   89.96
_cell.angle_gamma   90.00
#
_symmetry.space_group_name_H-M   'P 1 21 1'
#
loop_
_entity.id
_entity.type
_entity.pdbx_description
1 polymer Sortase
2 non-polymer 'CHLORIDE ION'
3 water water
#
_entity_poly.entity_id   1
_entity_poly.type   'polypeptide(L)'
_entity_poly.pdbx_seq_one_letter_code
;SNAQSPQKAGTKRTDAPPVMEQVGYGETIGMLVVPKWYGVTNNNMPIMEGTGSDVLDQAAAGHYTNTQQLGEVGNFAIAG
HRRTYGNSFRRIDLLQEGDEIIVSTAKTWYVFKVTGHELVKPEQVEVIAPVPNQPDAQPTDRYITLTTCHGSTAGEFGND
LRWIVHAKFAYWMDRSEGRPESVLNDPGVN
;
_entity_poly.pdbx_strand_id   A,B,C,D
#
loop_
_chem_comp.id
_chem_comp.type
_chem_comp.name
_chem_comp.formula
CL non-polymer 'CHLORIDE ION' 'Cl -1'
#
# COMPACT_ATOMS: atom_id res chain seq x y z
N THR A 11 -32.70 -5.14 0.87
CA THR A 11 -33.20 -5.75 2.16
C THR A 11 -32.06 -6.17 3.12
N LYS A 12 -31.35 -5.15 3.62
CA LYS A 12 -30.15 -5.35 4.44
C LYS A 12 -30.57 -5.68 5.86
N ARG A 13 -30.17 -6.84 6.36
CA ARG A 13 -30.58 -7.28 7.69
C ARG A 13 -29.47 -7.01 8.70
N THR A 14 -29.88 -6.44 9.85
CA THR A 14 -28.96 -6.00 10.90
C THR A 14 -29.10 -6.84 12.21
N ASP A 15 -30.07 -7.75 12.25
CA ASP A 15 -30.15 -8.73 13.34
C ASP A 15 -29.04 -9.77 13.16
N ALA A 16 -28.85 -10.63 14.14
CA ALA A 16 -27.68 -11.50 14.05
C ALA A 16 -27.76 -12.37 12.78
N PRO A 17 -26.63 -12.49 12.09
CA PRO A 17 -26.60 -13.36 10.91
C PRO A 17 -26.53 -14.85 11.26
N PRO A 18 -26.84 -15.72 10.26
CA PRO A 18 -26.64 -17.13 10.49
C PRO A 18 -25.16 -17.46 10.68
N VAL A 19 -24.84 -18.40 11.56
CA VAL A 19 -23.47 -18.77 11.81
C VAL A 19 -23.14 -19.97 10.95
N MET A 20 -22.00 -19.93 10.27
CA MET A 20 -21.57 -21.11 9.52
C MET A 20 -21.04 -22.19 10.47
N GLU A 21 -21.37 -23.44 10.18
CA GLU A 21 -20.82 -24.60 10.90
C GLU A 21 -19.39 -24.83 10.43
N GLN A 22 -18.50 -25.20 11.35
CA GLN A 22 -17.13 -25.58 11.00
C GLN A 22 -17.12 -26.74 10.03
N VAL A 23 -16.23 -26.66 9.05
CA VAL A 23 -16.07 -27.72 8.04
C VAL A 23 -14.66 -28.30 8.14
N GLY A 24 -14.43 -29.43 7.47
CA GLY A 24 -13.12 -30.07 7.45
C GLY A 24 -12.06 -29.34 6.63
N TYR A 25 -10.79 -29.63 6.92
CA TYR A 25 -9.67 -28.99 6.24
C TYR A 25 -9.79 -29.10 4.73
N GLY A 26 -9.63 -27.98 4.05
CA GLY A 26 -9.69 -27.93 2.61
C GLY A 26 -11.07 -27.87 1.99
N GLU A 27 -12.13 -27.91 2.79
CA GLU A 27 -13.50 -27.83 2.27
C GLU A 27 -13.85 -26.36 2.09
N THR A 28 -14.73 -26.07 1.14
CA THR A 28 -15.04 -24.67 0.79
C THR A 28 -16.11 -24.11 1.72
N ILE A 29 -15.88 -22.88 2.15
CA ILE A 29 -16.80 -22.15 3.06
C ILE A 29 -17.65 -21.17 2.24
N GLY A 30 -17.06 -20.58 1.21
CA GLY A 30 -17.78 -19.54 0.48
C GLY A 30 -16.88 -18.89 -0.55
N MET A 31 -17.30 -17.73 -1.04
CA MET A 31 -16.46 -16.91 -1.94
C MET A 31 -16.25 -15.51 -1.40
N LEU A 32 -15.04 -15.00 -1.61
CA LEU A 32 -14.74 -13.65 -1.21
C LEU A 32 -14.96 -12.71 -2.38
N VAL A 33 -15.73 -11.66 -2.15
CA VAL A 33 -15.93 -10.61 -3.16
C VAL A 33 -15.54 -9.26 -2.53
N VAL A 34 -14.62 -8.56 -3.16
CA VAL A 34 -14.24 -7.22 -2.68
C VAL A 34 -14.52 -6.23 -3.82
N PRO A 35 -15.50 -5.34 -3.66
CA PRO A 35 -15.84 -4.45 -4.80
C PRO A 35 -14.71 -3.59 -5.37
N LYS A 36 -13.75 -3.19 -4.54
CA LYS A 36 -12.57 -2.49 -5.07
C LYS A 36 -11.60 -3.33 -5.91
N TRP A 37 -11.83 -4.61 -6.01
CA TRP A 37 -11.00 -5.50 -6.78
C TRP A 37 -11.66 -5.87 -8.09
N TYR A 38 -12.85 -5.34 -8.37
CA TYR A 38 -13.45 -5.50 -9.70
C TYR A 38 -12.48 -4.87 -10.70
N GLY A 39 -12.08 -5.63 -11.69
CA GLY A 39 -11.15 -5.14 -12.71
C GLY A 39 -9.70 -5.41 -12.38
N VAL A 40 -9.44 -5.84 -11.15
CA VAL A 40 -8.13 -6.22 -10.67
C VAL A 40 -7.97 -7.73 -10.77
N THR A 41 -8.84 -8.46 -10.09
CA THR A 41 -8.84 -9.92 -10.12
C THR A 41 -10.18 -10.41 -10.67
N ASN A 42 -10.38 -11.71 -10.83
CA ASN A 42 -11.67 -12.26 -11.19
C ASN A 42 -12.69 -11.96 -10.09
N ASN A 43 -12.17 -11.70 -8.89
CA ASN A 43 -13.01 -11.25 -7.76
C ASN A 43 -14.08 -12.28 -7.37
N ASN A 44 -13.67 -13.54 -7.33
CA ASN A 44 -14.58 -14.59 -6.91
C ASN A 44 -13.82 -15.67 -6.21
N MET A 45 -13.00 -15.22 -5.27
CA MET A 45 -12.01 -16.04 -4.67
C MET A 45 -12.62 -17.01 -3.71
N PRO A 46 -12.41 -18.31 -3.90
CA PRO A 46 -12.98 -19.28 -2.93
C PRO A 46 -12.29 -19.12 -1.58
N ILE A 47 -13.06 -19.30 -0.51
CA ILE A 47 -12.57 -19.41 0.82
C ILE A 47 -12.67 -20.84 1.31
N MET A 48 -11.55 -21.40 1.73
CA MET A 48 -11.50 -22.80 2.23
C MET A 48 -10.96 -22.90 3.64
N GLU A 49 -11.34 -23.95 4.37
CA GLU A 49 -10.78 -24.19 5.69
C GLU A 49 -9.29 -24.51 5.62
N GLY A 50 -8.48 -23.86 6.44
CA GLY A 50 -7.04 -24.19 6.50
C GLY A 50 -6.15 -23.25 5.73
N THR A 51 -4.90 -23.17 6.14
CA THR A 51 -4.00 -22.14 5.59
C THR A 51 -2.73 -22.71 5.03
N GLY A 52 -2.71 -24.01 4.84
CA GLY A 52 -1.60 -24.63 4.12
C GLY A 52 -1.51 -24.18 2.68
N SER A 53 -0.34 -24.44 2.06
CA SER A 53 -0.16 -24.16 0.63
C SER A 53 -1.07 -24.98 -0.28
N ASP A 54 -1.51 -26.15 0.18
CA ASP A 54 -2.49 -26.95 -0.55
C ASP A 54 -3.82 -26.23 -0.74
N VAL A 55 -4.10 -25.24 0.10
CA VAL A 55 -5.27 -24.37 -0.03
C VAL A 55 -4.92 -23.07 -0.78
N LEU A 56 -3.91 -22.36 -0.31
CA LEU A 56 -3.60 -21.05 -0.83
C LEU A 56 -3.09 -21.10 -2.29
N ASP A 57 -2.48 -22.22 -2.69
CA ASP A 57 -1.98 -22.34 -4.06
C ASP A 57 -3.10 -22.52 -5.06
N GLN A 58 -4.29 -22.88 -4.58
CA GLN A 58 -5.48 -22.97 -5.41
C GLN A 58 -6.07 -21.57 -5.74
N ALA A 59 -5.39 -20.51 -5.35
CA ALA A 59 -5.82 -19.12 -5.58
C ALA A 59 -7.09 -18.92 -4.76
N ALA A 60 -7.06 -19.55 -3.60
CA ALA A 60 -8.15 -19.46 -2.59
C ALA A 60 -7.66 -18.85 -1.31
N ALA A 61 -8.58 -18.22 -0.58
CA ALA A 61 -8.30 -17.71 0.72
C ALA A 61 -8.46 -18.86 1.70
N GLY A 62 -7.64 -18.87 2.73
CA GLY A 62 -7.71 -19.91 3.76
C GLY A 62 -8.10 -19.44 5.17
N HIS A 63 -9.06 -20.13 5.78
CA HIS A 63 -9.47 -19.77 7.13
C HIS A 63 -8.51 -20.34 8.17
N TYR A 64 -7.98 -19.44 9.01
CA TYR A 64 -7.22 -19.85 10.19
C TYR A 64 -8.11 -20.73 11.08
N THR A 65 -7.68 -21.95 11.32
CA THR A 65 -8.61 -22.95 11.83
C THR A 65 -8.97 -22.71 13.27
N ASN A 66 -8.16 -21.94 14.01
CA ASN A 66 -8.45 -21.68 15.43
C ASN A 66 -9.12 -20.33 15.66
N THR A 67 -9.47 -19.66 14.59
CA THR A 67 -10.30 -18.47 14.67
C THR A 67 -11.79 -18.82 14.50
N GLN A 68 -12.65 -17.83 14.69
CA GLN A 68 -14.08 -18.08 14.73
C GLN A 68 -14.68 -18.35 13.35
N GLN A 69 -15.86 -18.94 13.34
CA GLN A 69 -16.55 -19.24 12.09
C GLN A 69 -17.21 -17.97 11.53
N LEU A 70 -17.49 -18.01 10.24
CA LEU A 70 -18.13 -16.90 9.56
C LEU A 70 -19.51 -16.63 10.15
N GLY A 71 -19.72 -15.37 10.53
CA GLY A 71 -20.93 -14.97 11.23
C GLY A 71 -20.88 -15.05 12.74
N GLU A 72 -19.93 -15.82 13.29
CA GLU A 72 -19.83 -16.00 14.74
C GLU A 72 -19.21 -14.77 15.42
N VAL A 73 -19.73 -14.47 16.61
CA VAL A 73 -19.10 -13.45 17.37
C VAL A 73 -17.59 -13.73 17.61
N GLY A 74 -16.77 -12.78 17.19
CA GLY A 74 -15.29 -12.94 17.23
C GLY A 74 -14.67 -12.52 15.93
N ASN A 75 -13.72 -13.32 15.42
CA ASN A 75 -12.94 -12.88 14.27
C ASN A 75 -12.71 -13.99 13.30
N PHE A 76 -13.30 -13.88 12.12
CA PHE A 76 -13.15 -14.89 11.03
C PHE A 76 -11.95 -14.44 10.21
N ALA A 77 -10.81 -15.11 10.36
CA ALA A 77 -9.61 -14.57 9.77
C ALA A 77 -9.21 -15.46 8.61
N ILE A 78 -8.83 -14.81 7.54
CA ILE A 78 -8.41 -15.57 6.33
C ILE A 78 -7.10 -15.06 5.77
N ALA A 79 -6.31 -16.00 5.27
CA ALA A 79 -5.02 -15.72 4.65
C ALA A 79 -5.14 -15.86 3.15
N GLY A 80 -4.39 -15.06 2.41
CA GLY A 80 -4.26 -15.18 0.98
C GLY A 80 -2.91 -14.84 0.45
N HIS A 81 -2.50 -15.54 -0.61
CA HIS A 81 -1.30 -15.17 -1.27
C HIS A 81 -1.41 -13.78 -1.89
N ARG A 82 -0.29 -13.06 -1.92
CA ARG A 82 -0.22 -11.75 -2.52
C ARG A 82 -0.06 -11.77 -4.03
N ARG A 83 0.49 -12.85 -4.57
CA ARG A 83 0.93 -12.89 -5.98
C ARG A 83 0.32 -13.98 -6.88
N THR A 84 -0.70 -14.68 -6.41
CA THR A 84 -1.37 -15.74 -7.21
C THR A 84 -2.21 -15.21 -8.38
N TYR A 85 -2.34 -16.04 -9.42
CA TYR A 85 -3.06 -15.65 -10.64
C TYR A 85 -4.58 -15.82 -10.49
N GLY A 86 -5.33 -14.93 -11.08
CA GLY A 86 -6.75 -15.09 -11.18
C GLY A 86 -7.37 -14.45 -9.95
N ASN A 87 -7.00 -14.97 -8.77
CA ASN A 87 -7.50 -14.44 -7.48
C ASN A 87 -6.35 -14.39 -6.51
N SER A 88 -6.24 -13.30 -5.77
CA SER A 88 -5.18 -13.09 -4.82
C SER A 88 -5.49 -11.88 -3.93
N PHE A 89 -4.66 -11.60 -2.94
CA PHE A 89 -4.82 -10.37 -2.10
C PHE A 89 -3.83 -9.29 -2.61
N ARG A 90 -3.48 -9.35 -3.90
CA ARG A 90 -2.48 -8.45 -4.45
C ARG A 90 -2.71 -7.00 -4.06
N ARG A 91 -3.97 -6.57 -4.14
CA ARG A 91 -4.27 -5.16 -4.04
C ARG A 91 -4.99 -4.93 -2.74
N ILE A 92 -4.54 -5.66 -1.71
CA ILE A 92 -5.03 -5.42 -0.34
C ILE A 92 -4.86 -3.97 0.08
N ASP A 93 -3.88 -3.31 -0.52
CA ASP A 93 -3.51 -1.92 -0.18
C ASP A 93 -4.52 -0.88 -0.66
N LEU A 94 -5.54 -1.29 -1.42
CA LEU A 94 -6.55 -0.37 -1.93
C LEU A 94 -7.65 -0.20 -0.93
N LEU A 95 -7.65 -1.01 0.12
CA LEU A 95 -8.79 -1.03 1.04
C LEU A 95 -8.62 0.08 2.06
N GLN A 96 -9.65 0.91 2.16
CA GLN A 96 -9.66 2.03 3.05
C GLN A 96 -10.88 1.90 3.97
N GLU A 97 -10.87 2.66 5.06
CA GLU A 97 -12.01 2.66 5.94
C GLU A 97 -13.34 2.82 5.18
N GLY A 98 -14.28 1.96 5.49
CA GLY A 98 -15.60 1.97 4.85
C GLY A 98 -15.75 1.13 3.60
N ASP A 99 -14.65 0.68 3.02
CA ASP A 99 -14.78 -0.24 1.89
C ASP A 99 -15.41 -1.57 2.29
N GLU A 100 -16.17 -2.16 1.37
CA GLU A 100 -16.85 -3.39 1.68
C GLU A 100 -16.02 -4.62 1.45
N ILE A 101 -16.13 -5.57 2.36
CA ILE A 101 -15.58 -6.93 2.17
C ILE A 101 -16.76 -7.90 2.28
N ILE A 102 -17.00 -8.66 1.23
CA ILE A 102 -18.27 -9.40 1.12
C ILE A 102 -17.95 -10.86 1.02
N VAL A 103 -18.60 -11.68 1.88
CA VAL A 103 -18.50 -13.12 1.72
C VAL A 103 -19.82 -13.71 1.26
N SER A 104 -19.77 -14.49 0.21
CA SER A 104 -20.98 -15.20 -0.20
C SER A 104 -20.89 -16.67 0.22
N THR A 105 -21.95 -17.16 0.86
CA THR A 105 -22.10 -18.59 1.14
C THR A 105 -23.33 -19.09 0.38
N ALA A 106 -23.61 -20.37 0.47
CA ALA A 106 -24.72 -20.95 -0.25
C ALA A 106 -26.07 -20.28 0.08
N LYS A 107 -26.22 -19.86 1.31
CA LYS A 107 -27.48 -19.30 1.79
C LYS A 107 -27.48 -17.78 2.07
N THR A 108 -26.29 -17.21 2.20
CA THR A 108 -26.14 -15.91 2.84
C THR A 108 -25.10 -14.99 2.25
N TRP A 109 -25.39 -13.69 2.17
CA TRP A 109 -24.37 -12.67 1.89
C TRP A 109 -23.96 -12.06 3.20
N TYR A 110 -22.67 -12.13 3.55
CA TYR A 110 -22.17 -11.40 4.72
C TYR A 110 -21.39 -10.18 4.27
N VAL A 111 -21.83 -9.01 4.73
CA VAL A 111 -21.16 -7.78 4.34
C VAL A 111 -20.51 -7.11 5.56
N PHE A 112 -19.19 -6.93 5.42
CA PHE A 112 -18.32 -6.30 6.39
C PHE A 112 -17.80 -4.97 5.84
N LYS A 113 -17.51 -4.01 6.75
CA LYS A 113 -16.94 -2.74 6.36
C LYS A 113 -15.59 -2.50 7.03
N VAL A 114 -14.57 -2.16 6.21
CA VAL A 114 -13.22 -1.98 6.69
C VAL A 114 -13.14 -0.91 7.81
N THR A 115 -12.47 -1.28 8.91
CA THR A 115 -12.28 -0.41 10.07
C THR A 115 -10.86 0.15 10.06
N GLY A 116 -9.94 -0.53 9.38
CA GLY A 116 -8.55 -0.10 9.39
C GLY A 116 -7.64 -1.20 8.84
N HIS A 117 -6.37 -0.84 8.64
CA HIS A 117 -5.33 -1.83 8.31
C HIS A 117 -4.12 -1.71 9.23
N GLU A 118 -3.35 -2.77 9.30
CA GLU A 118 -2.13 -2.82 10.09
C GLU A 118 -1.03 -3.40 9.24
N LEU A 119 0.19 -2.93 9.46
CA LEU A 119 1.40 -3.63 9.04
C LEU A 119 2.14 -4.17 10.28
N VAL A 120 2.30 -5.48 10.34
CA VAL A 120 2.86 -6.18 11.51
C VAL A 120 3.90 -7.23 11.14
N LYS A 121 4.68 -7.63 12.14
CA LYS A 121 5.50 -8.84 12.03
C LYS A 121 4.61 -10.10 12.12
N PRO A 122 5.00 -11.19 11.44
CA PRO A 122 4.10 -12.34 11.41
C PRO A 122 3.90 -13.04 12.76
N GLU A 123 4.64 -12.66 13.78
CA GLU A 123 4.51 -13.28 15.10
C GLU A 123 3.47 -12.51 15.91
N GLN A 124 3.05 -11.36 15.39
CA GLN A 124 2.04 -10.50 16.07
C GLN A 124 0.64 -11.02 15.82
N VAL A 125 0.36 -12.18 16.41
CA VAL A 125 -0.88 -12.93 16.19
C VAL A 125 -2.10 -12.26 16.83
N GLU A 126 -1.88 -11.25 17.66
CA GLU A 126 -3.01 -10.50 18.23
C GLU A 126 -3.92 -9.90 17.13
N VAL A 127 -3.39 -9.72 15.93
CA VAL A 127 -4.21 -9.13 14.86
C VAL A 127 -5.39 -10.04 14.47
N ILE A 128 -5.27 -11.34 14.76
CA ILE A 128 -6.33 -12.33 14.46
C ILE A 128 -7.02 -12.87 15.73
N ALA A 129 -6.79 -12.22 16.85
CA ALA A 129 -7.52 -12.58 18.05
C ALA A 129 -9.02 -12.33 17.84
N PRO A 130 -9.86 -12.93 18.69
CA PRO A 130 -11.31 -12.75 18.62
C PRO A 130 -11.71 -11.30 18.59
N VAL A 131 -11.08 -10.49 19.46
CA VAL A 131 -11.13 -9.04 19.36
C VAL A 131 -9.80 -8.58 18.74
N PRO A 132 -9.86 -8.03 17.51
CA PRO A 132 -8.65 -7.61 16.80
C PRO A 132 -7.72 -6.76 17.62
N ASN A 133 -6.45 -7.17 17.70
CA ASN A 133 -5.39 -6.48 18.43
C ASN A 133 -5.54 -6.48 19.96
N GLN A 134 -6.43 -7.29 20.52
CA GLN A 134 -6.66 -7.33 21.98
C GLN A 134 -6.81 -8.78 22.40
N PRO A 135 -5.68 -9.48 22.58
CA PRO A 135 -5.81 -10.92 22.82
C PRO A 135 -6.52 -11.30 24.12
N ASP A 136 -6.51 -10.42 25.10
CA ASP A 136 -7.10 -10.73 26.40
C ASP A 136 -8.62 -10.48 26.44
N ALA A 137 -9.17 -9.80 25.44
CA ALA A 137 -10.57 -9.35 25.47
C ALA A 137 -11.57 -10.38 24.95
N GLN A 138 -12.73 -10.45 25.58
CA GLN A 138 -13.84 -11.30 25.07
C GLN A 138 -14.65 -10.52 24.01
N PRO A 139 -15.01 -11.19 22.90
CA PRO A 139 -15.63 -10.49 21.77
C PRO A 139 -17.10 -10.15 21.91
N THR A 140 -17.50 -9.00 21.35
CA THR A 140 -18.91 -8.64 21.16
C THR A 140 -19.37 -8.51 19.72
N ASP A 141 -18.45 -8.08 18.84
CA ASP A 141 -18.75 -7.82 17.44
C ASP A 141 -18.25 -8.94 16.54
N ARG A 142 -18.67 -8.90 15.30
CA ARG A 142 -18.27 -9.89 14.32
C ARG A 142 -17.32 -9.21 13.33
N TYR A 143 -16.10 -9.74 13.21
CA TYR A 143 -15.11 -9.20 12.27
C TYR A 143 -14.73 -10.24 11.25
N ILE A 144 -14.19 -9.72 10.15
CA ILE A 144 -13.37 -10.54 9.19
C ILE A 144 -11.98 -9.91 9.20
N THR A 145 -10.95 -10.73 9.01
CA THR A 145 -9.61 -10.23 8.96
C THR A 145 -8.98 -10.87 7.73
N LEU A 146 -8.39 -10.04 6.89
CA LEU A 146 -7.60 -10.55 5.73
C LEU A 146 -6.15 -10.32 5.99
N THR A 147 -5.32 -11.34 5.72
CA THR A 147 -3.89 -11.26 5.91
C THR A 147 -3.14 -11.67 4.68
N THR A 148 -2.04 -11.00 4.45
CA THR A 148 -1.14 -11.37 3.36
C THR A 148 0.26 -10.79 3.63
N CYS A 149 1.22 -11.08 2.75
CA CYS A 149 2.60 -10.62 2.89
C CYS A 149 2.78 -9.22 2.37
N HIS A 150 3.75 -8.50 2.95
CA HIS A 150 4.18 -7.21 2.48
C HIS A 150 5.67 -7.01 2.90
N GLY A 151 6.45 -6.35 2.08
CA GLY A 151 7.84 -6.03 2.43
C GLY A 151 8.08 -4.59 2.89
N SER A 152 8.87 -4.44 3.96
CA SER A 152 9.29 -3.11 4.45
C SER A 152 10.00 -2.29 3.38
N THR A 153 10.75 -2.95 2.50
CA THR A 153 11.32 -2.30 1.34
C THR A 153 10.63 -2.66 0.03
N ALA A 154 10.34 -3.95 -0.19
CA ALA A 154 9.88 -4.37 -1.52
C ALA A 154 8.34 -4.45 -1.65
N GLY A 155 7.59 -4.05 -0.60
CA GLY A 155 6.13 -4.10 -0.64
C GLY A 155 5.46 -5.38 -1.14
N GLU A 156 4.71 -5.26 -2.22
CA GLU A 156 4.02 -6.39 -2.83
C GLU A 156 4.95 -7.60 -3.05
N PHE A 157 6.24 -7.31 -3.25
CA PHE A 157 7.20 -8.34 -3.62
C PHE A 157 8.14 -8.72 -2.46
N GLY A 158 7.73 -8.38 -1.24
CA GLY A 158 8.48 -8.72 -0.04
C GLY A 158 7.60 -9.41 0.98
N ASN A 159 8.24 -9.92 2.02
CA ASN A 159 7.51 -10.76 2.96
C ASN A 159 8.09 -10.76 4.35
N ASP A 160 8.77 -9.67 4.72
CA ASP A 160 9.24 -9.55 6.10
C ASP A 160 8.11 -9.06 7.00
N LEU A 161 7.04 -8.61 6.40
CA LEU A 161 5.90 -8.06 7.14
C LEU A 161 4.60 -8.68 6.64
N ARG A 162 3.51 -8.37 7.34
CA ARG A 162 2.18 -8.84 6.92
C ARG A 162 1.21 -7.66 6.89
N TRP A 163 0.53 -7.48 5.76
CA TRP A 163 -0.54 -6.48 5.65
C TRP A 163 -1.86 -7.10 6.10
N ILE A 164 -2.48 -6.45 7.08
CA ILE A 164 -3.68 -6.96 7.74
C ILE A 164 -4.82 -5.96 7.52
N VAL A 165 -5.98 -6.44 7.07
CA VAL A 165 -7.19 -5.61 6.98
C VAL A 165 -8.26 -6.14 7.91
N HIS A 166 -8.81 -5.25 8.74
CA HIS A 166 -9.96 -5.61 9.58
C HIS A 166 -11.27 -4.97 9.07
N ALA A 167 -12.36 -5.74 9.08
CA ALA A 167 -13.68 -5.25 8.69
C ALA A 167 -14.73 -5.73 9.70
N LYS A 168 -15.54 -4.79 10.16
CA LYS A 168 -16.63 -5.07 11.11
C LYS A 168 -17.95 -5.39 10.38
N PHE A 169 -18.68 -6.37 10.88
CA PHE A 169 -19.92 -6.78 10.27
C PHE A 169 -20.90 -5.61 10.13
N ALA A 170 -21.52 -5.47 8.94
CA ALA A 170 -22.45 -4.38 8.67
C ALA A 170 -23.87 -4.90 8.52
N TYR A 171 -24.09 -5.80 7.58
CA TYR A 171 -25.41 -6.41 7.41
C TYR A 171 -25.27 -7.73 6.70
N TRP A 172 -26.38 -8.47 6.64
CA TRP A 172 -26.42 -9.70 5.85
C TRP A 172 -27.66 -9.76 5.00
N MET A 173 -27.66 -10.66 4.03
CA MET A 173 -28.83 -10.88 3.19
C MET A 173 -29.03 -12.35 2.95
N ASP A 174 -30.29 -12.78 2.88
CA ASP A 174 -30.61 -14.11 2.37
C ASP A 174 -30.31 -14.13 0.88
N ARG A 175 -29.47 -15.04 0.41
CA ARG A 175 -29.03 -15.04 -0.99
C ARG A 175 -30.16 -15.37 -1.98
N SER A 176 -31.20 -16.06 -1.50
CA SER A 176 -32.35 -16.35 -2.37
C SER A 176 -33.25 -15.11 -2.54
N GLU A 177 -33.10 -14.13 -1.65
CA GLU A 177 -33.93 -12.93 -1.63
C GLU A 177 -33.26 -11.65 -2.14
N GLY A 178 -31.95 -11.67 -2.36
CA GLY A 178 -31.29 -10.46 -2.78
C GLY A 178 -29.78 -10.53 -2.63
N ARG A 179 -29.11 -9.50 -3.12
CA ARG A 179 -27.68 -9.39 -2.99
C ARG A 179 -27.27 -7.91 -2.87
N PRO A 180 -26.06 -7.64 -2.36
CA PRO A 180 -25.64 -6.25 -2.24
C PRO A 180 -25.57 -5.49 -3.54
N GLU A 181 -25.85 -4.20 -3.48
CA GLU A 181 -25.83 -3.35 -4.66
C GLU A 181 -24.49 -3.30 -5.35
N SER A 182 -23.41 -3.39 -4.57
CA SER A 182 -22.04 -3.36 -5.10
C SER A 182 -21.70 -4.60 -5.94
N VAL A 183 -22.42 -5.69 -5.72
CA VAL A 183 -22.10 -6.94 -6.42
C VAL A 183 -22.57 -6.73 -7.86
N LEU A 184 -21.64 -6.82 -8.83
CA LEU A 184 -21.94 -6.48 -10.22
C LEU A 184 -22.47 -7.65 -11.04
N ASN A 185 -22.12 -8.86 -10.63
CA ASN A 185 -22.65 -10.08 -11.20
C ASN A 185 -22.49 -11.18 -10.18
N ASP A 186 -23.15 -12.31 -10.44
CA ASP A 186 -23.11 -13.42 -9.50
C ASP A 186 -21.70 -13.96 -9.49
N PRO A 187 -21.04 -13.99 -8.32
CA PRO A 187 -19.73 -14.61 -8.20
C PRO A 187 -19.79 -16.11 -8.36
N GLY A 188 -20.95 -16.69 -8.05
CA GLY A 188 -21.13 -18.12 -8.10
C GLY A 188 -22.40 -18.48 -8.86
N VAL A 189 -23.03 -19.54 -8.44
CA VAL A 189 -24.22 -20.07 -9.08
C VAL A 189 -25.43 -19.71 -8.21
N ASN A 190 -26.46 -19.06 -8.75
CA ASN A 190 -27.65 -18.60 -7.96
C ASN A 190 -27.22 -17.97 -6.65
N THR B 11 10.42 -28.90 -2.39
CA THR B 11 10.08 -27.77 -1.48
C THR B 11 10.83 -27.83 -0.14
N LYS B 12 11.31 -29.01 0.27
CA LYS B 12 12.30 -29.08 1.36
C LYS B 12 13.62 -28.67 0.73
N ARG B 13 14.36 -27.81 1.41
CA ARG B 13 15.62 -27.30 0.92
C ARG B 13 16.73 -27.78 1.87
N THR B 14 17.75 -28.44 1.31
CA THR B 14 18.91 -28.88 2.09
C THR B 14 20.19 -28.10 1.74
N ASP B 15 20.09 -27.17 0.80
CA ASP B 15 21.13 -26.15 0.59
C ASP B 15 21.19 -25.20 1.78
N ALA B 16 22.26 -24.40 1.86
CA ALA B 16 22.45 -23.48 3.00
C ALA B 16 21.23 -22.61 3.17
N PRO B 17 20.64 -22.63 4.38
CA PRO B 17 19.50 -21.72 4.59
C PRO B 17 19.87 -20.23 4.67
N PRO B 18 18.87 -19.33 4.49
CA PRO B 18 19.14 -17.94 4.76
C PRO B 18 19.57 -17.78 6.21
N VAL B 19 20.47 -16.83 6.43
CA VAL B 19 21.00 -16.56 7.75
C VAL B 19 20.34 -15.31 8.29
N MET B 20 19.73 -15.41 9.46
CA MET B 20 19.08 -14.25 10.08
C MET B 20 20.12 -13.19 10.47
N GLU B 21 19.83 -11.93 10.14
CA GLU B 21 20.62 -10.81 10.64
C GLU B 21 20.30 -10.63 12.13
N GLN B 22 21.33 -10.27 12.89
CA GLN B 22 21.19 -10.04 14.31
C GLN B 22 20.28 -8.85 14.54
N VAL B 23 19.46 -8.97 15.58
CA VAL B 23 18.56 -7.90 15.99
C VAL B 23 18.94 -7.40 17.36
N GLY B 24 18.37 -6.26 17.72
CA GLY B 24 18.62 -5.66 19.00
C GLY B 24 18.00 -6.43 20.13
N TYR B 25 18.52 -6.19 21.32
CA TYR B 25 18.03 -6.88 22.50
C TYR B 25 16.52 -6.73 22.61
N GLY B 26 15.86 -7.85 22.83
CA GLY B 26 14.42 -7.92 23.10
C GLY B 26 13.53 -7.95 21.87
N GLU B 27 14.13 -7.79 20.71
CA GLU B 27 13.38 -7.78 19.46
C GLU B 27 13.16 -9.23 19.03
N THR B 28 12.09 -9.43 18.23
CA THR B 28 11.63 -10.73 17.83
C THR B 28 12.48 -11.30 16.68
N ILE B 29 12.82 -12.55 16.83
CA ILE B 29 13.61 -13.28 15.82
C ILE B 29 12.63 -14.17 15.08
N GLY B 30 11.81 -14.89 15.83
CA GLY B 30 10.92 -15.88 15.20
C GLY B 30 9.97 -16.51 16.18
N MET B 31 9.52 -17.72 15.87
CA MET B 31 8.60 -18.43 16.71
C MET B 31 8.99 -19.88 16.80
N LEU B 32 8.96 -20.43 18.00
CA LEU B 32 9.29 -21.83 18.22
C LEU B 32 8.07 -22.70 18.14
N VAL B 33 8.18 -23.76 17.35
CA VAL B 33 7.08 -24.76 17.27
C VAL B 33 7.65 -26.18 17.38
N VAL B 34 7.20 -26.96 18.37
CA VAL B 34 7.78 -28.29 18.64
C VAL B 34 6.60 -29.26 18.54
N PRO B 35 6.54 -30.07 17.47
CA PRO B 35 5.39 -30.93 17.25
C PRO B 35 4.96 -31.78 18.47
N LYS B 36 5.93 -32.32 19.23
CA LYS B 36 5.60 -33.02 20.49
C LYS B 36 4.94 -32.14 21.57
N TRP B 37 4.93 -30.82 21.39
CA TRP B 37 4.24 -29.97 22.36
C TRP B 37 2.84 -29.56 21.94
N TYR B 38 2.36 -30.05 20.80
CA TYR B 38 0.96 -29.81 20.42
C TYR B 38 0.06 -30.45 21.47
N GLY B 39 -0.85 -29.67 22.06
CA GLY B 39 -1.71 -30.16 23.17
C GLY B 39 -1.11 -30.00 24.55
N VAL B 40 0.14 -29.51 24.62
CA VAL B 40 0.86 -29.35 25.85
C VAL B 40 0.91 -27.87 26.17
N THR B 41 1.47 -27.08 25.25
CA THR B 41 1.46 -25.63 25.35
C THR B 41 0.77 -25.01 24.12
N ASN B 42 0.69 -23.68 24.06
CA ASN B 42 0.18 -22.99 22.87
C ASN B 42 1.06 -23.26 21.64
N ASN B 43 2.32 -23.59 21.90
CA ASN B 43 3.24 -24.09 20.89
C ASN B 43 3.45 -23.07 19.76
N ASN B 44 3.49 -21.81 20.16
CA ASN B 44 3.86 -20.73 19.27
C ASN B 44 4.68 -19.70 20.03
N MET B 45 5.65 -20.21 20.76
CA MET B 45 6.55 -19.40 21.56
C MET B 45 7.44 -18.43 20.80
N PRO B 46 7.25 -17.11 21.02
CA PRO B 46 8.14 -16.14 20.37
C PRO B 46 9.57 -16.33 20.83
N ILE B 47 10.51 -16.21 19.90
CA ILE B 47 11.92 -16.17 20.22
C ILE B 47 12.41 -14.75 20.05
N MET B 48 13.08 -14.24 21.09
CA MET B 48 13.58 -12.87 21.11
C MET B 48 15.06 -12.89 21.37
N GLU B 49 15.74 -11.79 21.07
CA GLU B 49 17.18 -11.63 21.34
C GLU B 49 17.44 -11.31 22.83
N GLY B 50 18.23 -12.13 23.54
CA GLY B 50 18.61 -11.86 24.96
C GLY B 50 17.93 -12.83 25.91
N THR B 51 18.55 -13.05 27.06
CA THR B 51 18.12 -14.09 27.98
C THR B 51 17.71 -13.53 29.34
N GLY B 52 17.56 -12.21 29.40
CA GLY B 52 17.18 -11.56 30.66
C GLY B 52 15.78 -11.94 31.00
N SER B 53 15.39 -11.68 32.26
CA SER B 53 14.05 -12.01 32.70
C SER B 53 13.03 -11.17 31.96
N ASP B 54 13.44 -9.98 31.54
CA ASP B 54 12.58 -9.13 30.76
C ASP B 54 12.07 -9.84 29.51
N VAL B 55 12.93 -10.64 28.88
CA VAL B 55 12.52 -11.49 27.76
C VAL B 55 11.77 -12.72 28.26
N LEU B 56 12.40 -13.51 29.14
CA LEU B 56 11.91 -14.84 29.44
C LEU B 56 10.58 -14.79 30.17
N ASP B 57 10.35 -13.75 30.95
CA ASP B 57 9.07 -13.64 31.69
C ASP B 57 7.92 -13.23 30.81
N GLN B 58 8.18 -12.99 29.54
CA GLN B 58 7.12 -12.84 28.56
C GLN B 58 6.60 -14.18 27.99
N ALA B 59 6.99 -15.30 28.57
CA ALA B 59 6.75 -16.62 28.00
C ALA B 59 7.35 -16.68 26.59
N ALA B 60 8.53 -16.09 26.49
CA ALA B 60 9.36 -16.13 25.26
C ALA B 60 10.64 -16.90 25.48
N ALA B 61 11.13 -17.51 24.41
CA ALA B 61 12.45 -18.06 24.42
C ALA B 61 13.43 -16.95 24.11
N GLY B 62 14.60 -17.06 24.68
CA GLY B 62 15.59 -16.01 24.64
C GLY B 62 16.86 -16.55 23.95
N HIS B 63 17.27 -15.86 22.88
CA HIS B 63 18.55 -16.20 22.22
C HIS B 63 19.75 -15.69 23.01
N TYR B 64 20.69 -16.59 23.32
CA TYR B 64 21.97 -16.27 23.93
C TYR B 64 22.74 -15.36 22.98
N THR B 65 23.06 -14.15 23.40
CA THR B 65 23.49 -13.13 22.46
C THR B 65 24.89 -13.33 21.89
N ASN B 66 25.71 -14.12 22.56
CA ASN B 66 27.04 -14.53 22.06
C ASN B 66 27.05 -15.75 21.15
N THR B 67 25.93 -16.45 20.99
CA THR B 67 25.89 -17.64 20.11
C THR B 67 25.55 -17.20 18.68
N GLN B 68 25.53 -18.16 17.75
CA GLN B 68 25.38 -17.82 16.36
C GLN B 68 23.93 -17.42 16.02
N GLN B 69 23.75 -16.74 14.89
CA GLN B 69 22.42 -16.41 14.43
C GLN B 69 21.77 -17.63 13.82
N LEU B 70 20.44 -17.59 13.72
CA LEU B 70 19.66 -18.67 13.12
C LEU B 70 20.04 -18.89 11.65
N GLY B 71 20.35 -20.14 11.34
CA GLY B 71 20.87 -20.52 10.03
C GLY B 71 22.38 -20.56 9.90
N GLU B 72 23.08 -19.87 10.79
CA GLU B 72 24.52 -19.77 10.69
C GLU B 72 25.21 -21.06 11.13
N VAL B 73 26.34 -21.36 10.51
CA VAL B 73 27.09 -22.52 10.94
C VAL B 73 27.57 -22.25 12.37
N GLY B 74 27.39 -23.24 13.25
CA GLY B 74 27.58 -23.04 14.69
C GLY B 74 26.32 -23.40 15.43
N ASN B 75 26.01 -22.67 16.52
CA ASN B 75 24.97 -23.09 17.42
C ASN B 75 24.09 -21.89 17.77
N PHE B 76 22.83 -22.00 17.41
CA PHE B 76 21.80 -21.02 17.76
C PHE B 76 21.15 -21.50 19.07
N ALA B 77 21.49 -20.86 20.20
CA ALA B 77 21.07 -21.38 21.50
C ALA B 77 19.98 -20.49 22.07
N ILE B 78 18.93 -21.12 22.57
CA ILE B 78 17.84 -20.38 23.20
C ILE B 78 17.53 -20.91 24.57
N ALA B 79 17.08 -20.00 25.45
CA ALA B 79 16.71 -20.37 26.81
C ALA B 79 15.27 -20.06 27.03
N GLY B 80 14.63 -20.92 27.82
CA GLY B 80 13.19 -20.75 28.09
C GLY B 80 12.85 -21.13 29.49
N HIS B 81 11.90 -20.42 30.12
CA HIS B 81 11.49 -20.88 31.44
C HIS B 81 10.79 -22.22 31.42
N ARG B 82 11.03 -22.99 32.47
CA ARG B 82 10.46 -24.29 32.60
C ARG B 82 8.95 -24.23 32.80
N ARG B 83 8.49 -23.19 33.51
CA ARG B 83 7.13 -23.21 34.06
C ARG B 83 6.28 -21.92 33.89
N THR B 84 6.54 -21.16 32.86
CA THR B 84 5.64 -20.05 32.45
C THR B 84 4.32 -20.58 31.83
N TYR B 85 3.21 -19.83 31.95
CA TYR B 85 2.02 -20.30 31.22
C TYR B 85 1.89 -19.81 29.76
N GLY B 86 1.19 -20.59 28.95
CA GLY B 86 0.94 -20.24 27.58
C GLY B 86 1.99 -20.95 26.73
N ASN B 87 3.24 -20.56 26.94
CA ASN B 87 4.41 -21.18 26.29
C ASN B 87 5.53 -21.34 27.31
N SER B 88 6.26 -22.44 27.24
CA SER B 88 7.33 -22.75 28.20
C SER B 88 8.09 -23.94 27.63
N PHE B 89 9.22 -24.26 28.26
CA PHE B 89 10.00 -25.49 27.96
C PHE B 89 9.63 -26.55 29.00
N ARG B 90 8.40 -26.50 29.55
CA ARG B 90 8.06 -27.47 30.58
C ARG B 90 8.29 -28.93 30.18
N ARG B 91 7.91 -29.29 28.96
CA ARG B 91 7.99 -30.67 28.51
C ARG B 91 9.18 -30.83 27.57
N ILE B 92 10.27 -30.14 27.90
CA ILE B 92 11.51 -30.38 27.21
C ILE B 92 11.93 -31.86 27.27
N ASP B 93 11.52 -32.54 28.34
CA ASP B 93 11.87 -33.93 28.59
C ASP B 93 11.19 -34.92 27.67
N LEU B 94 10.26 -34.45 26.84
CA LEU B 94 9.63 -35.38 25.88
C LEU B 94 10.52 -35.56 24.66
N LEU B 95 11.50 -34.69 24.49
CA LEU B 95 12.20 -34.65 23.20
C LEU B 95 13.37 -35.62 23.11
N GLN B 96 13.30 -36.48 22.08
CA GLN B 96 14.25 -37.55 21.94
C GLN B 96 14.82 -37.51 20.54
N GLU B 97 15.95 -38.18 20.37
CA GLU B 97 16.60 -38.24 19.09
C GLU B 97 15.63 -38.49 17.91
N GLY B 98 15.75 -37.65 16.88
CA GLY B 98 14.90 -37.70 15.70
C GLY B 98 13.77 -36.69 15.68
N ASP B 99 13.34 -36.24 16.85
CA ASP B 99 12.18 -35.34 16.93
C ASP B 99 12.47 -34.02 16.28
N GLU B 100 11.42 -33.37 15.81
CA GLU B 100 11.58 -32.10 15.14
C GLU B 100 11.53 -30.89 16.06
N ILE B 101 12.47 -29.98 15.84
CA ILE B 101 12.43 -28.66 16.44
C ILE B 101 12.32 -27.66 15.29
N ILE B 102 11.28 -26.84 15.33
CA ILE B 102 10.95 -25.98 14.19
C ILE B 102 11.02 -24.52 14.62
N VAL B 103 11.70 -23.69 13.82
CA VAL B 103 11.66 -22.26 14.01
C VAL B 103 11.03 -21.58 12.80
N SER B 104 9.99 -20.84 13.06
CA SER B 104 9.27 -20.10 12.03
CA SER B 104 9.29 -20.11 12.03
C SER B 104 9.74 -18.65 12.03
N THR B 105 10.31 -18.18 10.90
CA THR B 105 10.59 -16.74 10.72
C THR B 105 9.69 -16.14 9.67
N ALA B 106 9.76 -14.82 9.46
CA ALA B 106 8.94 -14.18 8.43
C ALA B 106 9.03 -14.84 7.05
N LYS B 107 10.22 -15.30 6.69
CA LYS B 107 10.42 -15.87 5.35
C LYS B 107 10.66 -17.37 5.26
N THR B 108 11.01 -18.01 6.37
CA THR B 108 11.58 -19.32 6.34
C THR B 108 11.13 -20.22 7.48
N TRP B 109 10.92 -21.48 7.18
CA TRP B 109 10.81 -22.52 8.22
C TRP B 109 12.16 -23.19 8.34
N TYR B 110 12.72 -23.21 9.55
CA TYR B 110 13.96 -23.96 9.81
C TYR B 110 13.60 -25.22 10.56
N VAL B 111 13.95 -26.38 10.01
CA VAL B 111 13.61 -27.61 10.65
C VAL B 111 14.85 -28.30 11.18
N PHE B 112 14.83 -28.58 12.48
CA PHE B 112 15.93 -29.30 13.14
C PHE B 112 15.45 -30.63 13.70
N LYS B 113 16.36 -31.60 13.78
CA LYS B 113 16.09 -32.90 14.33
C LYS B 113 16.97 -33.15 15.53
N VAL B 114 16.34 -33.54 16.63
CA VAL B 114 17.04 -33.77 17.89
C VAL B 114 18.13 -34.84 17.74
N THR B 115 19.34 -34.49 18.18
CA THR B 115 20.50 -35.38 18.22
C THR B 115 20.77 -35.94 19.62
N GLY B 116 20.57 -35.10 20.66
CA GLY B 116 20.81 -35.56 21.98
C GLY B 116 20.26 -34.61 23.02
N HIS B 117 20.30 -35.05 24.26
CA HIS B 117 20.01 -34.20 25.39
C HIS B 117 20.97 -34.52 26.50
N GLU B 118 21.14 -33.58 27.42
CA GLU B 118 22.00 -33.76 28.58
CA GLU B 118 21.97 -33.79 28.59
C GLU B 118 21.52 -32.91 29.75
N LEU B 119 21.95 -33.32 30.93
CA LEU B 119 21.68 -32.60 32.17
C LEU B 119 23.03 -32.15 32.71
N VAL B 120 23.20 -30.83 32.80
CA VAL B 120 24.46 -30.23 33.20
C VAL B 120 24.33 -29.20 34.29
N LYS B 121 25.45 -28.89 34.94
CA LYS B 121 25.49 -27.77 35.90
C LYS B 121 25.52 -26.51 35.05
N PRO B 122 25.02 -25.39 35.54
CA PRO B 122 24.92 -24.20 34.70
C PRO B 122 26.24 -23.56 34.24
N GLU B 123 27.33 -23.91 34.89
CA GLU B 123 28.65 -23.41 34.58
C GLU B 123 29.19 -24.13 33.33
N GLN B 124 28.48 -25.17 32.87
CA GLN B 124 28.98 -26.05 31.75
C GLN B 124 28.56 -25.49 30.40
N VAL B 125 29.11 -24.33 30.08
CA VAL B 125 28.74 -23.55 28.90
C VAL B 125 29.24 -24.13 27.59
N GLU B 126 30.05 -25.18 27.65
CA GLU B 126 30.35 -25.95 26.43
C GLU B 126 29.08 -26.45 25.68
N VAL B 127 27.92 -26.56 26.36
CA VAL B 127 26.71 -27.07 25.74
C VAL B 127 26.10 -26.10 24.72
N ILE B 128 26.51 -24.84 24.79
CA ILE B 128 26.07 -23.80 23.85
C ILE B 128 27.22 -23.30 22.99
N ALA B 129 28.33 -24.03 23.01
CA ALA B 129 29.44 -23.76 22.04
C ALA B 129 29.00 -23.93 20.58
N PRO B 130 29.71 -23.27 19.62
CA PRO B 130 29.40 -23.43 18.20
C PRO B 130 29.29 -24.89 17.78
N VAL B 131 30.18 -25.75 18.30
CA VAL B 131 30.01 -27.21 18.22
C VAL B 131 29.60 -27.69 19.59
N PRO B 132 28.33 -28.13 19.75
CA PRO B 132 27.80 -28.50 21.09
C PRO B 132 28.70 -29.53 21.75
N ASN B 133 29.06 -29.23 23.01
CA ASN B 133 29.91 -30.05 23.89
C ASN B 133 31.38 -30.13 23.46
N GLN B 134 31.81 -29.25 22.54
CA GLN B 134 33.17 -29.29 21.98
C GLN B 134 33.69 -27.87 21.77
N PRO B 135 34.08 -27.20 22.86
CA PRO B 135 34.36 -25.76 22.83
C PRO B 135 35.62 -25.34 22.04
N ASP B 136 36.48 -26.28 21.72
CA ASP B 136 37.67 -26.00 20.90
C ASP B 136 37.58 -26.74 19.56
N ALA B 137 36.51 -26.47 18.80
CA ALA B 137 36.33 -27.12 17.51
C ALA B 137 35.76 -26.19 16.43
N GLN B 138 36.20 -26.41 15.20
CA GLN B 138 35.67 -25.75 14.00
C GLN B 138 34.27 -26.23 13.66
N PRO B 139 33.24 -25.35 13.73
CA PRO B 139 31.91 -25.81 13.29
C PRO B 139 31.74 -25.92 11.77
N THR B 140 30.95 -26.91 11.37
CA THR B 140 30.64 -27.16 9.99
C THR B 140 29.12 -27.34 9.77
N ASP B 141 28.38 -27.54 10.85
CA ASP B 141 26.96 -27.83 10.75
C ASP B 141 26.23 -26.80 11.62
N ARG B 142 24.93 -26.76 11.46
CA ARG B 142 24.07 -25.77 12.14
C ARG B 142 23.24 -26.47 13.17
N TYR B 143 23.25 -25.93 14.40
CA TYR B 143 22.56 -26.56 15.51
C TYR B 143 21.67 -25.53 16.15
N ILE B 144 20.59 -26.02 16.71
CA ILE B 144 19.79 -25.28 17.71
C ILE B 144 19.96 -26.00 19.06
N THR B 145 20.07 -25.22 20.14
CA THR B 145 20.17 -25.77 21.46
C THR B 145 19.05 -25.13 22.29
N LEU B 146 18.28 -25.94 22.99
CA LEU B 146 17.26 -25.42 23.95
C LEU B 146 17.80 -25.65 25.35
N THR B 147 17.62 -24.68 26.25
CA THR B 147 18.05 -24.83 27.62
C THR B 147 16.98 -24.39 28.61
N THR B 148 16.88 -25.14 29.68
CA THR B 148 15.95 -24.73 30.78
C THR B 148 16.43 -25.38 32.08
N CYS B 149 15.74 -25.12 33.18
CA CYS B 149 16.15 -25.58 34.48
C CYS B 149 15.53 -26.93 34.79
N HIS B 150 16.25 -27.69 35.60
CA HIS B 150 15.76 -28.95 36.15
C HIS B 150 16.49 -29.22 37.46
N GLY B 151 15.81 -29.87 38.40
CA GLY B 151 16.37 -30.19 39.69
C GLY B 151 16.77 -31.66 39.83
N SER B 152 17.94 -31.90 40.38
CA SER B 152 18.38 -33.26 40.71
C SER B 152 17.41 -34.01 41.65
N THR B 153 16.67 -33.31 42.50
CA THR B 153 15.60 -33.96 43.27
C THR B 153 14.20 -33.53 42.82
N ALA B 154 13.99 -32.23 42.64
CA ALA B 154 12.66 -31.68 42.39
C ALA B 154 12.31 -31.54 40.90
N GLY B 155 13.22 -31.96 40.02
CA GLY B 155 12.95 -31.99 38.62
C GLY B 155 12.38 -30.69 38.08
N GLU B 156 11.13 -30.74 37.65
CA GLU B 156 10.45 -29.68 37.00
C GLU B 156 10.39 -28.45 37.91
N PHE B 157 10.45 -28.66 39.22
CA PHE B 157 10.33 -27.56 40.17
C PHE B 157 11.69 -27.09 40.71
N GLY B 158 12.78 -27.62 40.20
CA GLY B 158 14.10 -27.39 40.78
C GLY B 158 15.04 -26.82 39.75
N ASN B 159 16.21 -26.41 40.21
CA ASN B 159 17.08 -25.61 39.37
C ASN B 159 18.57 -25.68 39.74
N ASP B 160 19.04 -26.80 40.28
CA ASP B 160 20.49 -26.95 40.44
C ASP B 160 21.10 -27.44 39.13
N LEU B 161 20.28 -27.94 38.24
CA LEU B 161 20.81 -28.44 36.95
C LEU B 161 20.19 -27.68 35.77
N ARG B 162 20.63 -28.01 34.57
CA ARG B 162 20.02 -27.51 33.33
C ARG B 162 19.74 -28.65 32.39
N TRP B 163 18.54 -28.69 31.82
CA TRP B 163 18.16 -29.66 30.79
C TRP B 163 18.45 -29.03 29.45
N ILE B 164 19.31 -29.68 28.69
CA ILE B 164 19.79 -29.20 27.40
C ILE B 164 19.30 -30.17 26.30
N VAL B 165 18.79 -29.60 25.22
CA VAL B 165 18.50 -30.39 24.04
C VAL B 165 19.23 -29.81 22.84
N HIS B 166 19.95 -30.66 22.11
CA HIS B 166 20.62 -30.30 20.88
C HIS B 166 19.86 -30.88 19.67
N ALA B 167 19.75 -30.09 18.61
CA ALA B 167 19.14 -30.54 17.34
C ALA B 167 19.87 -30.00 16.10
N LYS B 168 20.19 -30.89 15.17
CA LYS B 168 20.96 -30.46 14.02
C LYS B 168 20.02 -30.13 12.88
N PHE B 169 20.39 -29.12 12.12
CA PHE B 169 19.63 -28.69 10.96
C PHE B 169 19.37 -29.80 9.96
N ALA B 170 18.11 -29.99 9.59
CA ALA B 170 17.70 -30.99 8.60
C ALA B 170 17.35 -30.35 7.26
N TYR B 171 16.45 -29.38 7.29
CA TYR B 171 16.03 -28.74 6.07
C TYR B 171 15.26 -27.48 6.35
N TRP B 172 15.12 -26.67 5.31
CA TRP B 172 14.31 -25.46 5.44
C TRP B 172 13.28 -25.35 4.34
N MET B 173 12.31 -24.50 4.57
CA MET B 173 11.29 -24.22 3.55
C MET B 173 11.03 -22.72 3.42
N ASP B 174 10.75 -22.29 2.20
CA ASP B 174 10.26 -20.96 1.91
C ASP B 174 8.83 -20.88 2.43
N ARG B 175 8.62 -20.02 3.43
CA ARG B 175 7.33 -19.94 4.07
C ARG B 175 6.21 -19.56 3.10
N SER B 176 6.54 -18.73 2.12
CA SER B 176 5.56 -18.33 1.11
C SER B 176 5.12 -19.48 0.18
N GLU B 177 5.86 -20.58 0.19
CA GLU B 177 5.57 -21.75 -0.65
C GLU B 177 5.07 -22.98 0.08
N GLY B 178 5.44 -23.16 1.35
CA GLY B 178 4.97 -24.33 2.05
C GLY B 178 5.34 -24.30 3.51
N ARG B 179 4.89 -25.31 4.23
CA ARG B 179 5.34 -25.52 5.58
C ARG B 179 5.49 -27.01 5.89
N PRO B 180 6.31 -27.33 6.91
CA PRO B 180 6.49 -28.72 7.30
C PRO B 180 5.19 -29.42 7.57
N GLU B 181 5.11 -30.67 7.15
CA GLU B 181 3.87 -31.43 7.25
C GLU B 181 3.54 -31.70 8.73
N SER B 182 4.51 -31.51 9.62
CA SER B 182 4.30 -31.72 11.06
C SER B 182 3.66 -30.51 11.73
N VAL B 183 3.52 -29.43 11.00
CA VAL B 183 2.87 -28.22 11.54
C VAL B 183 1.37 -28.32 11.29
N LEU B 184 0.56 -28.21 12.34
CA LEU B 184 -0.86 -28.53 12.24
C LEU B 184 -1.78 -27.32 11.97
N ASN B 185 -1.25 -26.13 12.19
CA ASN B 185 -1.95 -24.87 11.92
C ASN B 185 -0.90 -23.78 11.85
N ASP B 186 -1.29 -22.58 11.43
CA ASP B 186 -0.31 -21.52 11.35
C ASP B 186 -0.05 -21.02 12.76
N PRO B 187 1.22 -21.03 13.25
CA PRO B 187 1.50 -20.47 14.58
C PRO B 187 1.46 -18.95 14.60
N GLY B 188 1.56 -18.35 13.41
CA GLY B 188 1.59 -16.90 13.24
C GLY B 188 0.60 -16.41 12.21
N VAL B 189 1.01 -15.41 11.46
CA VAL B 189 0.21 -14.77 10.42
C VAL B 189 0.90 -15.07 9.05
N ASN B 190 0.17 -15.73 8.15
CA ASN B 190 0.74 -16.26 6.88
C ASN B 190 2.06 -16.97 7.11
N THR C 11 13.76 21.05 22.83
CA THR C 11 12.46 21.69 23.24
C THR C 11 11.44 21.79 22.10
N LYS C 12 10.29 21.13 22.25
CA LYS C 12 9.25 21.12 21.22
C LYS C 12 8.39 22.40 21.28
N ARG C 13 8.50 23.20 20.23
CA ARG C 13 7.82 24.48 20.15
C ARG C 13 6.43 24.26 19.57
N THR C 14 5.43 24.79 20.27
CA THR C 14 4.04 24.69 19.87
C THR C 14 3.45 26.05 19.45
N ASP C 15 4.19 27.14 19.68
CA ASP C 15 3.87 28.44 19.07
C ASP C 15 4.03 28.40 17.52
N ALA C 16 3.57 29.43 16.83
CA ALA C 16 3.53 29.36 15.36
C ALA C 16 4.95 29.13 14.81
N PRO C 17 5.10 28.18 13.87
CA PRO C 17 6.44 27.97 13.36
C PRO C 17 6.91 29.10 12.43
N PRO C 18 8.23 29.23 12.24
CA PRO C 18 8.76 30.14 11.22
C PRO C 18 8.24 29.76 9.82
N VAL C 19 7.93 30.77 9.02
CA VAL C 19 7.40 30.61 7.66
C VAL C 19 8.57 30.75 6.68
N MET C 20 8.77 29.74 5.84
CA MET C 20 9.85 29.81 4.86
C MET C 20 9.51 30.80 3.74
N GLU C 21 10.53 31.53 3.28
CA GLU C 21 10.42 32.43 2.12
C GLU C 21 10.33 31.59 0.87
N GLN C 22 9.40 31.95 -0.01
CA GLN C 22 9.30 31.32 -1.30
C GLN C 22 10.61 31.45 -2.05
N VAL C 23 11.02 30.36 -2.70
CA VAL C 23 12.27 30.35 -3.45
C VAL C 23 11.98 30.08 -4.92
N GLY C 24 12.98 30.27 -5.75
CA GLY C 24 12.79 30.09 -7.18
C GLY C 24 12.74 28.62 -7.58
N TYR C 25 12.39 28.38 -8.83
CA TYR C 25 12.23 27.01 -9.30
C TYR C 25 13.56 26.28 -9.21
N GLY C 26 13.52 25.07 -8.64
CA GLY C 26 14.69 24.21 -8.53
C GLY C 26 15.60 24.44 -7.33
N GLU C 27 15.42 25.57 -6.65
CA GLU C 27 16.16 25.86 -5.44
C GLU C 27 15.70 24.95 -4.29
N THR C 28 16.62 24.65 -3.36
CA THR C 28 16.38 23.69 -2.28
C THR C 28 15.68 24.33 -1.07
N ILE C 29 14.63 23.69 -0.61
CA ILE C 29 13.84 24.18 0.56
C ILE C 29 14.36 23.56 1.86
N GLY C 30 14.81 22.31 1.73
CA GLY C 30 15.15 21.50 2.91
C GLY C 30 15.26 20.04 2.57
N MET C 31 15.13 19.18 3.60
CA MET C 31 15.18 17.74 3.45
C MET C 31 14.00 17.05 4.15
N LEU C 32 13.50 16.02 3.48
CA LEU C 32 12.46 15.16 4.03
C LEU C 32 13.05 14.03 4.81
N VAL C 33 12.59 13.84 6.04
CA VAL C 33 13.00 12.64 6.83
C VAL C 33 11.74 11.96 7.37
N VAL C 34 11.58 10.67 7.08
CA VAL C 34 10.42 9.88 7.51
C VAL C 34 10.94 8.70 8.32
N PRO C 35 10.70 8.71 9.64
CA PRO C 35 11.21 7.64 10.49
C PRO C 35 10.90 6.21 10.01
N LYS C 36 9.70 5.98 9.46
CA LYS C 36 9.32 4.63 9.03
C LYS C 36 10.17 4.20 7.85
N TRP C 37 10.90 5.13 7.24
CA TRP C 37 11.72 4.82 6.06
C TRP C 37 13.20 4.59 6.35
N TYR C 38 13.59 4.64 7.62
CA TYR C 38 14.94 4.25 7.98
C TYR C 38 15.16 2.80 7.62
N GLY C 39 16.27 2.54 6.92
CA GLY C 39 16.57 1.22 6.39
C GLY C 39 15.92 0.89 5.05
N VAL C 40 15.02 1.76 4.58
CA VAL C 40 14.25 1.55 3.37
C VAL C 40 14.90 2.39 2.28
N THR C 41 14.99 3.69 2.55
CA THR C 41 15.74 4.60 1.71
C THR C 41 16.88 5.24 2.52
N ASN C 42 17.67 6.06 1.85
CA ASN C 42 18.72 6.82 2.51
C ASN C 42 18.09 7.84 3.47
N ASN C 43 16.84 8.17 3.19
CA ASN C 43 15.99 8.98 4.10
C ASN C 43 16.56 10.35 4.38
N ASN C 44 17.05 10.99 3.31
CA ASN C 44 17.58 12.32 3.41
C ASN C 44 17.22 13.05 2.13
N MET C 45 15.96 12.92 1.75
CA MET C 45 15.50 13.33 0.47
C MET C 45 15.40 14.84 0.40
N PRO C 46 16.11 15.45 -0.55
CA PRO C 46 16.03 16.94 -0.74
C PRO C 46 14.66 17.37 -1.20
N ILE C 47 14.19 18.51 -0.70
CA ILE C 47 12.96 19.10 -1.12
C ILE C 47 13.32 20.36 -1.89
N MET C 48 12.87 20.42 -3.13
CA MET C 48 13.09 21.57 -3.96
C MET C 48 11.78 22.19 -4.42
N GLU C 49 11.87 23.44 -4.87
CA GLU C 49 10.73 24.13 -5.48
C GLU C 49 10.41 23.65 -6.89
N GLY C 50 9.16 23.25 -7.14
CA GLY C 50 8.72 22.80 -8.48
C GLY C 50 8.63 21.28 -8.67
N THR C 51 7.81 20.87 -9.64
CA THR C 51 7.42 19.47 -9.76
C THR C 51 7.76 18.87 -11.11
N GLY C 52 8.55 19.60 -11.91
CA GLY C 52 9.08 19.09 -13.16
C GLY C 52 10.03 17.93 -12.98
N SER C 53 10.27 17.18 -14.07
CA SER C 53 11.10 15.99 -14.00
C SER C 53 12.54 16.34 -13.66
N ASP C 54 12.98 17.52 -14.05
CA ASP C 54 14.29 18.04 -13.70
C ASP C 54 14.56 18.13 -12.19
N VAL C 55 13.50 18.25 -11.38
CA VAL C 55 13.57 18.17 -9.92
C VAL C 55 13.43 16.72 -9.42
N LEU C 56 12.37 16.04 -9.85
CA LEU C 56 12.05 14.74 -9.29
C LEU C 56 13.06 13.67 -9.72
N ASP C 57 13.67 13.85 -10.90
CA ASP C 57 14.69 12.89 -11.38
C ASP C 57 15.96 12.90 -10.56
N GLN C 58 16.18 13.98 -9.83
CA GLN C 58 17.28 14.07 -8.88
C GLN C 58 17.04 13.31 -7.57
N ALA C 59 16.00 12.47 -7.52
CA ALA C 59 15.56 11.78 -6.30
C ALA C 59 15.34 12.82 -5.21
N ALA C 60 14.69 13.89 -5.63
CA ALA C 60 14.26 14.99 -4.76
C ALA C 60 12.74 15.08 -4.71
N ALA C 61 12.20 15.62 -3.63
CA ALA C 61 10.77 15.92 -3.58
C ALA C 61 10.54 17.34 -4.10
N GLY C 62 9.50 17.51 -4.90
CA GLY C 62 9.19 18.81 -5.52
C GLY C 62 7.99 19.48 -4.84
N HIS C 63 8.16 20.70 -4.37
CA HIS C 63 6.99 21.45 -3.87
C HIS C 63 6.10 21.96 -5.00
N TYR C 64 4.82 21.64 -4.92
CA TYR C 64 3.84 22.23 -5.82
C TYR C 64 3.84 23.74 -5.63
N THR C 65 4.08 24.45 -6.71
CA THR C 65 4.43 25.87 -6.62
C THR C 65 3.27 26.79 -6.26
N ASN C 66 2.05 26.38 -6.52
CA ASN C 66 0.88 27.12 -6.05
C ASN C 66 0.36 26.76 -4.67
N THR C 67 0.97 25.80 -3.96
CA THR C 67 0.53 25.48 -2.60
C THR C 67 1.30 26.37 -1.64
N GLN C 68 1.09 26.18 -0.34
CA GLN C 68 1.60 27.15 0.62
C GLN C 68 3.03 26.82 1.01
N GLN C 69 3.71 27.82 1.56
CA GLN C 69 5.07 27.62 2.03
C GLN C 69 5.12 26.87 3.36
N LEU C 70 6.28 26.31 3.64
CA LEU C 70 6.51 25.54 4.84
C LEU C 70 6.40 26.45 6.04
N GLY C 71 5.47 26.18 6.95
CA GLY C 71 5.23 27.07 8.09
C GLY C 71 3.98 27.88 7.93
N GLU C 72 3.58 28.16 6.69
CA GLU C 72 2.41 28.95 6.41
C GLU C 72 1.11 28.18 6.69
N VAL C 73 0.09 28.86 7.22
CA VAL C 73 -1.21 28.22 7.35
C VAL C 73 -1.71 27.75 5.97
N GLY C 74 -2.16 26.51 5.92
CA GLY C 74 -2.58 25.88 4.67
C GLY C 74 -1.88 24.56 4.45
N ASN C 75 -1.44 24.30 3.20
CA ASN C 75 -1.01 22.97 2.85
C ASN C 75 0.24 23.05 2.00
N PHE C 76 1.31 22.46 2.52
CA PHE C 76 2.61 22.36 1.82
C PHE C 76 2.71 21.01 1.13
N ALA C 77 2.52 20.98 -0.18
CA ALA C 77 2.37 19.74 -0.88
C ALA C 77 3.65 19.46 -1.64
N ILE C 78 4.09 18.23 -1.56
CA ILE C 78 5.25 17.82 -2.32
C ILE C 78 5.00 16.51 -3.06
N ALA C 79 5.54 16.46 -4.27
CA ALA C 79 5.53 15.27 -5.11
C ALA C 79 6.85 14.53 -5.06
N GLY C 80 6.77 13.21 -5.27
CA GLY C 80 7.99 12.40 -5.37
C GLY C 80 7.77 11.20 -6.25
N HIS C 81 8.80 10.84 -7.01
CA HIS C 81 8.77 9.59 -7.75
C HIS C 81 8.65 8.37 -6.84
N ARG C 82 7.90 7.37 -7.29
CA ARG C 82 7.66 6.15 -6.56
C ARG C 82 8.88 5.26 -6.64
N ARG C 83 9.64 5.40 -7.73
CA ARG C 83 10.68 4.44 -8.03
C ARG C 83 12.04 5.03 -8.41
N THR C 84 12.53 5.97 -7.61
CA THR C 84 13.90 6.48 -7.75
C THR C 84 14.87 5.76 -6.79
N TYR C 85 16.16 5.77 -7.16
CA TYR C 85 17.23 5.21 -6.34
C TYR C 85 17.67 6.15 -5.22
N GLY C 86 18.01 5.55 -4.08
CA GLY C 86 18.53 6.31 -2.96
C GLY C 86 17.43 6.94 -2.13
N ASN C 87 16.61 7.81 -2.76
CA ASN C 87 15.45 8.46 -2.09
C ASN C 87 14.27 8.40 -3.03
N SER C 88 13.07 8.13 -2.49
CA SER C 88 11.86 7.96 -3.28
C SER C 88 10.69 7.93 -2.33
N PHE C 89 9.45 7.91 -2.87
CA PHE C 89 8.22 7.72 -2.06
C PHE C 89 7.78 6.26 -2.24
N ARG C 90 8.71 5.35 -2.56
CA ARG C 90 8.36 3.94 -2.82
C ARG C 90 7.47 3.36 -1.73
N ARG C 91 7.80 3.62 -0.47
CA ARG C 91 7.13 2.98 0.64
C ARG C 91 6.23 4.00 1.33
N ILE C 92 5.67 4.90 0.53
CA ILE C 92 4.56 5.72 1.06
C ILE C 92 3.46 4.91 1.77
N ASP C 93 3.26 3.66 1.37
CA ASP C 93 2.21 2.80 1.91
C ASP C 93 2.46 2.33 3.35
N LEU C 94 3.64 2.60 3.92
CA LEU C 94 3.96 2.23 5.30
C LEU C 94 3.40 3.26 6.26
N LEU C 95 3.03 4.42 5.74
CA LEU C 95 2.60 5.53 6.62
C LEU C 95 1.16 5.36 7.04
N GLN C 96 0.97 5.36 8.36
CA GLN C 96 -0.33 5.17 8.99
C GLN C 96 -0.57 6.35 9.91
N GLU C 97 -1.82 6.54 10.30
CA GLU C 97 -2.17 7.57 11.26
C GLU C 97 -1.18 7.65 12.42
N GLY C 98 -0.73 8.86 12.73
CA GLY C 98 0.19 9.12 13.82
C GLY C 98 1.66 9.07 13.50
N ASP C 99 2.00 8.47 12.37
CA ASP C 99 3.39 8.38 11.99
C ASP C 99 3.96 9.75 11.72
N GLU C 100 5.28 9.89 11.86
CA GLU C 100 5.87 11.18 11.73
C GLU C 100 6.34 11.44 10.32
N ILE C 101 6.21 12.68 9.90
CA ILE C 101 6.80 13.18 8.63
C ILE C 101 7.54 14.46 8.98
N ILE C 102 8.87 14.47 8.79
CA ILE C 102 9.72 15.53 9.33
C ILE C 102 10.42 16.26 8.19
N VAL C 103 10.41 17.58 8.25
CA VAL C 103 11.10 18.37 7.27
C VAL C 103 12.17 19.18 7.99
N SER C 104 13.40 19.03 7.57
CA SER C 104 14.50 19.81 8.14
C SER C 104 14.85 20.93 7.21
N THR C 105 14.94 22.13 7.75
CA THR C 105 15.48 23.26 6.99
C THR C 105 16.73 23.73 7.72
N ALA C 106 17.42 24.73 7.17
CA ALA C 106 18.64 25.24 7.74
C ALA C 106 18.44 25.73 9.18
N LYS C 107 17.31 26.35 9.47
CA LYS C 107 17.06 26.83 10.80
C LYS C 107 16.11 25.99 11.67
N THR C 108 15.35 25.09 11.06
CA THR C 108 14.16 24.56 11.72
C THR C 108 13.84 23.13 11.38
N TRP C 109 13.43 22.37 12.41
CA TRP C 109 12.74 21.08 12.24
C TRP C 109 11.24 21.32 12.24
N TYR C 110 10.55 20.85 11.20
CA TYR C 110 9.10 20.81 11.19
C TYR C 110 8.59 19.39 11.32
N VAL C 111 7.77 19.15 12.33
CA VAL C 111 7.30 17.80 12.58
C VAL C 111 5.79 17.78 12.40
N PHE C 112 5.34 16.91 11.49
CA PHE C 112 3.92 16.67 11.18
C PHE C 112 3.56 15.22 11.50
N LYS C 113 2.27 14.96 11.78
CA LYS C 113 1.80 13.62 12.14
C LYS C 113 0.66 13.20 11.22
N VAL C 114 0.80 12.02 10.61
CA VAL C 114 -0.14 11.57 9.61
C VAL C 114 -1.56 11.50 10.13
N THR C 115 -2.45 12.11 9.35
CA THR C 115 -3.91 12.12 9.61
C THR C 115 -4.72 11.18 8.73
N GLY C 116 -4.15 10.71 7.63
CA GLY C 116 -4.81 9.72 6.79
C GLY C 116 -4.15 9.68 5.43
N HIS C 117 -4.50 8.68 4.64
CA HIS C 117 -4.05 8.57 3.27
C HIS C 117 -5.28 8.45 2.36
N GLU C 118 -5.07 8.74 1.08
CA GLU C 118 -6.10 8.62 0.04
C GLU C 118 -5.53 8.14 -1.26
N LEU C 119 -6.33 7.42 -2.00
CA LEU C 119 -5.98 7.00 -3.39
C LEU C 119 -6.96 7.70 -4.30
N VAL C 120 -6.45 8.54 -5.18
CA VAL C 120 -7.29 9.38 -6.07
C VAL C 120 -6.81 9.34 -7.50
N LYS C 121 -7.66 9.74 -8.44
CA LYS C 121 -7.23 9.99 -9.81
C LYS C 121 -6.44 11.30 -9.83
N PRO C 122 -5.53 11.45 -10.77
CA PRO C 122 -4.65 12.61 -10.71
C PRO C 122 -5.28 13.99 -11.02
N GLU C 123 -6.56 14.01 -11.40
CA GLU C 123 -7.28 15.24 -11.68
C GLU C 123 -7.88 15.77 -10.38
N GLN C 124 -7.88 14.95 -9.31
CA GLN C 124 -8.56 15.31 -8.05
C GLN C 124 -7.66 16.24 -7.21
N VAL C 125 -7.54 17.49 -7.65
CA VAL C 125 -6.57 18.44 -7.08
C VAL C 125 -7.01 19.01 -5.70
N GLU C 126 -8.23 18.71 -5.29
CA GLU C 126 -8.67 19.02 -3.92
C GLU C 126 -7.73 18.46 -2.84
N VAL C 127 -7.01 17.37 -3.13
CA VAL C 127 -6.16 16.77 -2.12
C VAL C 127 -4.98 17.67 -1.75
N ILE C 128 -4.62 18.61 -2.62
CA ILE C 128 -3.55 19.57 -2.32
C ILE C 128 -4.08 20.97 -2.07
N ALA C 129 -5.40 21.11 -1.90
CA ALA C 129 -6.00 22.39 -1.48
C ALA C 129 -5.50 22.87 -0.12
N PRO C 130 -5.62 24.18 0.15
CA PRO C 130 -5.12 24.71 1.41
C PRO C 130 -5.65 23.95 2.61
N VAL C 131 -6.95 23.61 2.58
CA VAL C 131 -7.53 22.65 3.46
C VAL C 131 -7.66 21.40 2.60
N PRO C 132 -6.95 20.34 2.97
CA PRO C 132 -7.07 19.12 2.19
C PRO C 132 -8.51 18.69 1.96
N ASN C 133 -8.82 18.36 0.71
CA ASN C 133 -10.15 17.94 0.23
C ASN C 133 -11.27 18.96 0.29
N GLN C 134 -10.94 20.20 0.66
CA GLN C 134 -11.95 21.25 0.82
C GLN C 134 -11.53 22.52 0.10
N PRO C 135 -11.71 22.56 -1.23
CA PRO C 135 -11.22 23.66 -2.07
C PRO C 135 -11.79 25.01 -1.68
N ASP C 136 -12.96 25.03 -1.04
CA ASP C 136 -13.62 26.27 -0.65
C ASP C 136 -13.33 26.72 0.79
N ALA C 137 -12.78 25.83 1.62
CA ALA C 137 -12.56 26.15 3.02
C ALA C 137 -11.31 26.99 3.20
N GLN C 138 -11.41 28.02 4.05
CA GLN C 138 -10.27 28.85 4.39
C GLN C 138 -9.44 28.12 5.47
N PRO C 139 -8.11 28.07 5.27
CA PRO C 139 -7.26 27.30 6.18
C PRO C 139 -7.03 27.98 7.52
N THR C 140 -7.03 27.17 8.57
CA THR C 140 -6.57 27.58 9.90
C THR C 140 -5.34 26.78 10.37
N ASP C 141 -5.22 25.52 9.95
CA ASP C 141 -4.12 24.65 10.35
C ASP C 141 -3.01 24.57 9.26
N ARG C 142 -1.90 23.94 9.63
CA ARG C 142 -0.78 23.70 8.72
C ARG C 142 -0.67 22.19 8.44
N TYR C 143 -0.64 21.84 7.15
CA TYR C 143 -0.55 20.47 6.72
C TYR C 143 0.63 20.34 5.80
N ILE C 144 1.06 19.09 5.65
CA ILE C 144 1.96 18.65 4.58
C ILE C 144 1.25 17.50 3.86
N THR C 145 1.45 17.43 2.54
CA THR C 145 0.82 16.41 1.71
C THR C 145 1.96 15.83 0.89
N LEU C 146 2.07 14.51 0.85
CA LEU C 146 3.01 13.80 -0.03
C LEU C 146 2.17 13.14 -1.10
N THR C 147 2.63 13.19 -2.36
CA THR C 147 1.91 12.58 -3.48
C THR C 147 2.86 11.77 -4.33
N THR C 148 2.37 10.66 -4.81
CA THR C 148 3.15 9.78 -5.70
C THR C 148 2.18 8.87 -6.47
N CYS C 149 2.71 8.15 -7.45
CA CYS C 149 1.90 7.30 -8.27
C CYS C 149 1.65 5.94 -7.64
N HIS C 150 0.53 5.34 -8.02
CA HIS C 150 0.15 3.98 -7.67
C HIS C 150 -0.78 3.43 -8.75
N GLY C 151 -0.81 2.12 -8.91
CA GLY C 151 -1.74 1.48 -9.81
C GLY C 151 -2.85 0.68 -9.14
N SER C 152 -4.03 0.79 -9.72
CA SER C 152 -5.20 0.04 -9.27
C SER C 152 -5.02 -1.46 -9.46
N THR C 153 -4.18 -1.85 -10.43
CA THR C 153 -3.79 -3.21 -10.57
C THR C 153 -2.34 -3.43 -10.13
N ALA C 154 -1.44 -2.58 -10.63
CA ALA C 154 0.00 -2.84 -10.56
C ALA C 154 0.68 -2.17 -9.37
N GLY C 155 -0.08 -1.44 -8.54
CA GLY C 155 0.51 -0.82 -7.39
C GLY C 155 1.71 0.12 -7.63
N GLU C 156 2.81 -0.21 -6.95
CA GLU C 156 4.03 0.52 -7.01
C GLU C 156 4.50 0.62 -8.46
N PHE C 157 4.09 -0.32 -9.29
CA PHE C 157 4.53 -0.30 -10.67
C PHE C 157 3.44 0.23 -11.62
N GLY C 158 2.44 0.93 -11.10
CA GLY C 158 1.35 1.49 -11.92
C GLY C 158 1.18 2.95 -11.69
N ASN C 159 0.36 3.60 -12.51
CA ASN C 159 0.26 5.05 -12.40
C ASN C 159 -1.07 5.62 -12.84
N ASP C 160 -2.14 4.83 -12.75
CA ASP C 160 -3.46 5.40 -13.05
C ASP C 160 -4.01 6.13 -11.86
N LEU C 161 -3.44 5.89 -10.69
CA LEU C 161 -3.90 6.56 -9.44
C LEU C 161 -2.74 7.25 -8.76
N ARG C 162 -3.05 8.00 -7.72
CA ARG C 162 -2.03 8.65 -6.94
C ARG C 162 -2.26 8.32 -5.48
N TRP C 163 -1.19 7.93 -4.80
CA TRP C 163 -1.22 7.73 -3.32
C TRP C 163 -0.93 9.04 -2.65
N ILE C 164 -1.86 9.46 -1.78
CA ILE C 164 -1.76 10.76 -1.12
C ILE C 164 -1.72 10.54 0.40
N VAL C 165 -0.70 11.09 1.07
CA VAL C 165 -0.64 11.10 2.53
C VAL C 165 -0.74 12.52 3.06
N HIS C 166 -1.61 12.70 4.03
CA HIS C 166 -1.79 13.96 4.76
C HIS C 166 -1.26 13.87 6.18
N ALA C 167 -0.57 14.94 6.61
CA ALA C 167 -0.04 15.00 7.99
C ALA C 167 -0.20 16.40 8.57
N LYS C 168 -0.72 16.48 9.78
CA LYS C 168 -1.05 17.74 10.41
C LYS C 168 0.13 18.18 11.24
N PHE C 169 0.41 19.47 11.24
CA PHE C 169 1.53 20.03 11.97
C PHE C 169 1.43 19.72 13.46
N ALA C 170 2.52 19.23 14.04
CA ALA C 170 2.58 18.85 15.46
C ALA C 170 3.45 19.83 16.28
N TYR C 171 4.72 19.93 15.92
CA TYR C 171 5.62 20.84 16.65
C TYR C 171 6.80 21.16 15.78
N TRP C 172 7.56 22.17 16.19
CA TRP C 172 8.80 22.52 15.50
C TRP C 172 9.93 22.66 16.51
N MET C 173 11.15 22.67 15.99
CA MET C 173 12.36 22.85 16.81
C MET C 173 13.38 23.75 16.09
N ASP C 174 14.09 24.54 16.86
CA ASP C 174 15.21 25.32 16.34
C ASP C 174 16.38 24.37 16.18
N ARG C 175 16.86 24.22 14.96
CA ARG C 175 17.81 23.15 14.63
C ARG C 175 19.16 23.32 15.36
N SER C 176 19.46 24.55 15.75
CA SER C 176 20.69 24.83 16.48
C SER C 176 20.57 24.57 17.99
N GLU C 177 19.38 24.20 18.46
CA GLU C 177 19.18 23.84 19.86
C GLU C 177 18.63 22.44 20.11
N GLY C 178 18.37 21.67 19.05
CA GLY C 178 17.90 20.30 19.23
C GLY C 178 17.26 19.72 17.98
N ARG C 179 16.87 18.45 18.08
CA ARG C 179 16.21 17.75 16.97
C ARG C 179 15.30 16.63 17.46
N PRO C 180 14.35 16.20 16.62
CA PRO C 180 13.41 15.20 17.07
C PRO C 180 14.04 13.91 17.49
N GLU C 181 13.45 13.28 18.51
CA GLU C 181 13.87 11.98 19.06
C GLU C 181 14.01 10.90 17.99
N SER C 182 13.08 10.87 17.05
CA SER C 182 13.04 9.84 16.02
C SER C 182 14.17 9.95 14.99
N VAL C 183 14.81 11.11 14.89
CA VAL C 183 15.89 11.31 13.92
C VAL C 183 17.13 10.60 14.46
N LEU C 184 17.69 9.64 13.71
CA LEU C 184 18.74 8.75 14.25
C LEU C 184 20.15 9.28 14.02
N ASN C 185 20.30 10.08 12.96
CA ASN C 185 21.54 10.77 12.66
C ASN C 185 21.17 12.05 11.93
N ASP C 186 22.13 12.96 11.77
CA ASP C 186 21.86 14.22 11.08
C ASP C 186 21.67 13.89 9.60
N PRO C 187 20.53 14.26 8.99
CA PRO C 187 20.35 14.05 7.55
C PRO C 187 21.17 14.99 6.70
N GLY C 188 21.67 16.07 7.31
CA GLY C 188 22.53 16.99 6.63
C GLY C 188 23.74 17.40 7.45
N VAL C 189 24.12 18.65 7.28
CA VAL C 189 25.23 19.25 7.97
C VAL C 189 24.71 20.18 9.09
N ASN C 190 25.10 19.89 10.35
CA ASN C 190 24.61 20.60 11.55
C ASN C 190 23.10 20.74 11.51
N THR D 11 12.70 12.16 -24.99
CA THR D 11 11.56 12.25 -24.03
C THR D 11 10.27 12.67 -24.77
N LYS D 12 10.42 13.54 -25.79
CA LYS D 12 9.31 13.90 -26.69
C LYS D 12 9.08 12.86 -27.78
N ARG D 13 8.09 12.01 -27.58
CA ARG D 13 7.85 10.88 -28.45
C ARG D 13 6.94 11.25 -29.63
N THR D 14 7.35 10.88 -30.84
CA THR D 14 6.55 11.14 -32.06
C THR D 14 5.96 9.89 -32.71
N ASP D 15 6.31 8.71 -32.17
CA ASP D 15 5.63 7.45 -32.48
C ASP D 15 4.19 7.47 -31.93
N ALA D 16 3.40 6.46 -32.28
CA ALA D 16 1.98 6.47 -31.94
C ALA D 16 1.83 6.47 -30.42
N PRO D 17 0.99 7.38 -29.91
CA PRO D 17 0.84 7.43 -28.46
C PRO D 17 -0.04 6.31 -27.93
N PRO D 18 -0.03 6.13 -26.60
CA PRO D 18 -0.99 5.25 -25.97
C PRO D 18 -2.40 5.71 -26.33
N VAL D 19 -3.33 4.77 -26.52
CA VAL D 19 -4.73 5.06 -26.84
C VAL D 19 -5.59 4.87 -25.57
N MET D 20 -6.34 5.91 -25.21
CA MET D 20 -7.17 5.85 -24.01
C MET D 20 -8.32 4.88 -24.27
N GLU D 21 -8.66 4.07 -23.27
CA GLU D 21 -9.84 3.23 -23.36
C GLU D 21 -11.08 4.07 -23.05
N GLN D 22 -12.20 3.71 -23.66
CA GLN D 22 -13.44 4.45 -23.46
C GLN D 22 -13.91 4.30 -22.01
N VAL D 23 -14.43 5.37 -21.45
CA VAL D 23 -14.91 5.37 -20.06
C VAL D 23 -16.41 5.61 -20.12
N GLY D 24 -17.08 5.38 -19.00
CA GLY D 24 -18.52 5.58 -18.93
C GLY D 24 -18.90 7.04 -18.90
N TYR D 25 -20.17 7.32 -19.19
CA TYR D 25 -20.67 8.68 -19.22
C TYR D 25 -20.33 9.39 -17.92
N GLY D 26 -19.78 10.58 -18.07
CA GLY D 26 -19.47 11.48 -16.98
C GLY D 26 -18.18 11.24 -16.21
N GLU D 27 -17.43 10.22 -16.60
CA GLU D 27 -16.17 9.90 -15.95
C GLU D 27 -15.03 10.73 -16.53
N THR D 28 -14.02 10.96 -15.71
CA THR D 28 -12.91 11.83 -16.09
C THR D 28 -11.93 11.10 -17.01
N ILE D 29 -11.60 11.75 -18.12
CA ILE D 29 -10.65 11.26 -19.14
C ILE D 29 -9.27 11.88 -18.90
N GLY D 30 -9.23 13.18 -18.61
CA GLY D 30 -7.98 13.87 -18.35
C GLY D 30 -8.20 15.32 -17.99
N MET D 31 -7.19 16.15 -18.24
CA MET D 31 -7.24 17.60 -18.06
C MET D 31 -6.75 18.35 -19.29
N LEU D 32 -7.49 19.39 -19.65
CA LEU D 32 -7.13 20.29 -20.72
C LEU D 32 -6.26 21.47 -20.22
N VAL D 33 -5.13 21.67 -20.90
CA VAL D 33 -4.24 22.79 -20.56
C VAL D 33 -3.84 23.51 -21.84
N VAL D 34 -4.15 24.79 -21.91
CA VAL D 34 -3.91 25.53 -23.15
C VAL D 34 -3.00 26.69 -22.80
N PRO D 35 -1.74 26.65 -23.25
CA PRO D 35 -0.78 27.67 -22.76
C PRO D 35 -1.21 29.13 -22.98
N LYS D 36 -1.92 29.40 -24.07
CA LYS D 36 -2.50 30.72 -24.31
C LYS D 36 -3.56 31.16 -23.29
N TRP D 37 -4.03 30.25 -22.44
CA TRP D 37 -5.05 30.58 -21.47
C TRP D 37 -4.47 30.72 -20.07
N TYR D 38 -3.14 30.62 -19.92
CA TYR D 38 -2.53 30.92 -18.62
C TYR D 38 -2.80 32.38 -18.33
N GLY D 39 -3.19 32.64 -17.09
CA GLY D 39 -3.60 33.99 -16.68
C GLY D 39 -4.99 34.41 -17.17
N VAL D 40 -5.71 33.49 -17.78
CA VAL D 40 -7.06 33.74 -18.29
C VAL D 40 -8.07 32.91 -17.51
N THR D 41 -7.83 31.61 -17.48
CA THR D 41 -8.61 30.69 -16.67
C THR D 41 -7.66 29.94 -15.73
N ASN D 42 -8.21 29.07 -14.88
CA ASN D 42 -7.39 28.22 -14.03
C ASN D 42 -6.53 27.31 -14.89
N ASN D 43 -7.02 27.07 -16.11
CA ASN D 43 -6.30 26.30 -17.11
C ASN D 43 -5.97 24.87 -16.59
N ASN D 44 -6.94 24.27 -15.90
CA ASN D 44 -6.85 22.89 -15.43
C ASN D 44 -8.20 22.21 -15.61
N MET D 45 -8.79 22.45 -16.78
CA MET D 45 -10.12 21.98 -17.10
C MET D 45 -10.26 20.46 -17.24
N PRO D 46 -11.02 19.81 -16.33
CA PRO D 46 -11.24 18.37 -16.51
C PRO D 46 -11.98 18.07 -17.80
N ILE D 47 -11.60 16.99 -18.47
CA ILE D 47 -12.31 16.47 -19.61
C ILE D 47 -13.03 15.23 -19.16
N MET D 48 -14.33 15.18 -19.40
CA MET D 48 -15.14 14.03 -19.05
C MET D 48 -15.80 13.46 -20.28
N GLU D 49 -16.27 12.22 -20.15
CA GLU D 49 -17.12 11.60 -21.18
C GLU D 49 -18.57 12.13 -21.19
N GLY D 50 -19.01 12.59 -22.36
CA GLY D 50 -20.35 13.10 -22.57
C GLY D 50 -20.46 14.62 -22.67
N THR D 51 -21.52 15.09 -23.30
CA THR D 51 -21.66 16.52 -23.60
C THR D 51 -22.91 17.16 -23.01
N GLY D 52 -23.60 16.44 -22.17
CA GLY D 52 -24.75 16.95 -21.45
C GLY D 52 -24.36 18.07 -20.52
N SER D 53 -25.35 18.87 -20.12
CA SER D 53 -25.09 19.97 -19.20
C SER D 53 -24.58 19.46 -17.85
N ASP D 54 -25.06 18.29 -17.41
CA ASP D 54 -24.51 17.59 -16.25
C ASP D 54 -22.98 17.56 -16.23
N VAL D 55 -22.36 17.40 -17.41
CA VAL D 55 -20.91 17.50 -17.58
C VAL D 55 -20.45 18.97 -17.72
N LEU D 56 -20.99 19.70 -18.68
CA LEU D 56 -20.41 20.98 -19.04
C LEU D 56 -20.60 22.02 -17.95
N ASP D 57 -21.69 21.94 -17.21
CA ASP D 57 -21.93 22.89 -16.12
C ASP D 57 -20.98 22.70 -14.95
N GLN D 58 -20.28 21.56 -14.89
CA GLN D 58 -19.16 21.34 -13.94
C GLN D 58 -17.89 22.12 -14.31
N ALA D 59 -17.97 23.03 -15.27
CA ALA D 59 -16.82 23.70 -15.82
C ALA D 59 -15.80 22.63 -16.27
N ALA D 60 -16.37 21.64 -16.92
CA ALA D 60 -15.59 20.59 -17.64
C ALA D 60 -15.86 20.61 -19.13
N ALA D 61 -14.87 20.12 -19.88
CA ALA D 61 -15.04 19.84 -21.27
C ALA D 61 -15.60 18.42 -21.38
N GLY D 62 -16.51 18.28 -22.35
CA GLY D 62 -17.23 17.06 -22.59
C GLY D 62 -16.81 16.39 -23.91
N HIS D 63 -16.47 15.12 -23.85
CA HIS D 63 -16.14 14.36 -25.07
C HIS D 63 -17.38 13.87 -25.78
N TYR D 64 -17.50 14.22 -27.06
CA TYR D 64 -18.57 13.72 -27.96
C TYR D 64 -18.46 12.20 -28.06
N THR D 65 -19.48 11.52 -27.57
CA THR D 65 -19.44 10.06 -27.36
CA THR D 65 -19.35 10.07 -27.33
C THR D 65 -19.18 9.26 -28.62
N ASN D 66 -19.67 9.76 -29.74
CA ASN D 66 -19.52 9.05 -31.03
C ASN D 66 -18.24 9.35 -31.75
N THR D 67 -17.37 10.17 -31.15
CA THR D 67 -16.04 10.46 -31.74
C THR D 67 -14.96 9.53 -31.18
N GLN D 68 -13.74 9.66 -31.68
CA GLN D 68 -12.71 8.72 -31.30
C GLN D 68 -12.08 9.04 -29.93
N GLN D 69 -11.48 8.03 -29.32
CA GLN D 69 -10.79 8.16 -28.07
C GLN D 69 -9.47 8.89 -28.22
N LEU D 70 -9.01 9.48 -27.13
CA LEU D 70 -7.79 10.24 -27.15
C LEU D 70 -6.58 9.37 -27.53
N GLY D 71 -5.86 9.79 -28.54
CA GLY D 71 -4.71 9.06 -29.04
C GLY D 71 -5.05 8.15 -30.19
N GLU D 72 -6.35 7.98 -30.50
CA GLU D 72 -6.74 7.08 -31.59
C GLU D 72 -6.74 7.84 -32.94
N VAL D 73 -6.31 7.18 -34.02
CA VAL D 73 -6.47 7.76 -35.32
C VAL D 73 -7.95 8.16 -35.55
N GLY D 74 -8.16 9.38 -36.05
CA GLY D 74 -9.49 10.03 -36.07
C GLY D 74 -9.53 11.36 -35.32
N ASN D 75 -10.65 11.62 -34.63
CA ASN D 75 -10.88 12.94 -34.04
C ASN D 75 -11.50 12.82 -32.66
N PHE D 76 -10.74 13.27 -31.66
CA PHE D 76 -11.18 13.32 -30.29
C PHE D 76 -11.81 14.70 -30.12
N ALA D 77 -13.14 14.79 -30.08
CA ALA D 77 -13.83 16.08 -30.06
C ALA D 77 -14.39 16.35 -28.68
N ILE D 78 -14.16 17.57 -28.21
CA ILE D 78 -14.66 18.01 -26.89
C ILE D 78 -15.35 19.33 -26.99
N ALA D 79 -16.40 19.48 -26.18
CA ALA D 79 -17.21 20.63 -26.16
C ALA D 79 -17.03 21.28 -24.80
N GLY D 80 -17.01 22.60 -24.79
CA GLY D 80 -16.91 23.37 -23.56
C GLY D 80 -17.79 24.61 -23.56
N HIS D 81 -18.28 24.99 -22.39
CA HIS D 81 -19.05 26.21 -22.30
C HIS D 81 -18.19 27.46 -22.56
N ARG D 82 -18.78 28.43 -23.23
CA ARG D 82 -18.09 29.68 -23.52
C ARG D 82 -17.98 30.61 -22.30
N ARG D 83 -18.87 30.48 -21.32
CA ARG D 83 -18.93 31.44 -20.22
CA ARG D 83 -18.87 31.45 -20.20
C ARG D 83 -18.88 30.82 -18.80
N THR D 84 -18.43 29.58 -18.66
CA THR D 84 -18.34 28.99 -17.31
C THR D 84 -17.33 29.73 -16.44
N TYR D 85 -17.58 29.69 -15.13
CA TYR D 85 -16.70 30.33 -14.16
C TYR D 85 -15.44 29.50 -14.00
N GLY D 86 -14.32 30.19 -13.96
CA GLY D 86 -13.06 29.51 -13.93
C GLY D 86 -12.92 28.91 -15.31
N ASN D 87 -12.77 27.59 -15.35
CA ASN D 87 -12.39 26.95 -16.61
C ASN D 87 -13.53 27.08 -17.61
N SER D 88 -13.18 27.41 -18.85
CA SER D 88 -14.15 27.62 -19.91
C SER D 88 -13.41 27.69 -21.25
N PHE D 89 -14.16 27.75 -22.35
CA PHE D 89 -13.59 27.98 -23.69
C PHE D 89 -13.84 29.48 -24.05
N ARG D 90 -13.98 30.36 -23.05
CA ARG D 90 -14.25 31.78 -23.30
C ARG D 90 -13.28 32.36 -24.32
N ARG D 91 -12.00 32.03 -24.15
CA ARG D 91 -10.96 32.64 -25.00
C ARG D 91 -10.45 31.69 -26.04
N ILE D 92 -11.37 30.91 -26.59
CA ILE D 92 -11.04 30.06 -27.74
C ILE D 92 -10.51 30.91 -28.91
N ASP D 93 -10.97 32.13 -28.98
CA ASP D 93 -10.62 33.05 -30.08
C ASP D 93 -9.16 33.53 -30.04
N LEU D 94 -8.42 33.17 -28.99
CA LEU D 94 -7.00 33.50 -28.91
C LEU D 94 -6.17 32.50 -29.70
N LEU D 95 -6.73 31.35 -30.02
CA LEU D 95 -5.90 30.24 -30.54
C LEU D 95 -5.66 30.42 -32.01
N GLN D 96 -4.39 30.29 -32.40
CA GLN D 96 -4.01 30.48 -33.78
C GLN D 96 -3.20 29.28 -34.27
N GLU D 97 -3.14 29.15 -35.60
CA GLU D 97 -2.33 28.11 -36.22
C GLU D 97 -0.97 27.99 -35.53
N GLY D 98 -0.68 26.79 -35.06
CA GLY D 98 0.58 26.51 -34.43
C GLY D 98 0.59 26.47 -32.92
N ASP D 99 -0.43 27.05 -32.30
CA ASP D 99 -0.58 27.03 -30.85
C ASP D 99 -0.81 25.65 -30.31
N GLU D 100 -0.34 25.41 -29.09
CA GLU D 100 -0.48 24.09 -28.49
C GLU D 100 -1.76 23.90 -27.71
N ILE D 101 -2.29 22.69 -27.81
CA ILE D 101 -3.41 22.24 -26.99
C ILE D 101 -2.91 20.95 -26.37
N ILE D 102 -2.92 20.89 -25.04
CA ILE D 102 -2.30 19.79 -24.34
C ILE D 102 -3.36 19.09 -23.50
N VAL D 103 -3.41 17.77 -23.61
CA VAL D 103 -4.24 16.97 -22.73
C VAL D 103 -3.37 16.17 -21.76
N SER D 104 -3.64 16.31 -20.47
CA SER D 104 -2.94 15.58 -19.45
C SER D 104 -3.80 14.40 -19.05
N THR D 105 -3.27 13.18 -19.15
CA THR D 105 -3.95 12.00 -18.59
C THR D 105 -3.07 11.40 -17.50
N ALA D 106 -3.56 10.40 -16.79
CA ALA D 106 -2.80 9.76 -15.71
C ALA D 106 -1.37 9.36 -16.11
N LYS D 107 -1.20 8.85 -17.32
CA LYS D 107 0.11 8.32 -17.76
C LYS D 107 0.83 9.14 -18.82
N THR D 108 0.11 10.02 -19.49
CA THR D 108 0.56 10.61 -20.73
C THR D 108 0.20 12.06 -20.90
N TRP D 109 1.14 12.82 -21.46
CA TRP D 109 0.91 14.16 -22.03
C TRP D 109 0.74 14.02 -23.53
N TYR D 110 -0.38 14.49 -24.05
CA TYR D 110 -0.69 14.55 -25.48
C TYR D 110 -0.63 16.02 -25.94
N VAL D 111 0.33 16.32 -26.81
CA VAL D 111 0.48 17.69 -27.33
C VAL D 111 -0.05 17.78 -28.76
N PHE D 112 -0.96 18.70 -28.99
CA PHE D 112 -1.49 18.94 -30.34
C PHE D 112 -1.10 20.36 -30.72
N LYS D 113 -0.99 20.57 -32.05
CA LYS D 113 -0.75 21.86 -32.65
C LYS D 113 -1.91 22.31 -33.51
N VAL D 114 -2.43 23.50 -33.21
CA VAL D 114 -3.55 24.03 -33.93
C VAL D 114 -3.30 24.14 -35.42
N THR D 115 -4.21 23.59 -36.19
CA THR D 115 -4.15 23.64 -37.65
C THR D 115 -5.04 24.72 -38.24
N GLY D 116 -6.27 24.82 -37.72
CA GLY D 116 -7.28 25.71 -38.30
C GLY D 116 -8.38 25.98 -37.30
N HIS D 117 -9.21 26.95 -37.62
CA HIS D 117 -10.44 27.17 -36.90
C HIS D 117 -11.49 27.55 -37.91
N GLU D 118 -12.74 27.34 -37.54
CA GLU D 118 -13.83 27.78 -38.39
C GLU D 118 -15.02 28.13 -37.56
N LEU D 119 -15.94 28.86 -38.18
CA LEU D 119 -17.19 29.20 -37.53
C LEU D 119 -18.34 28.60 -38.32
N VAL D 120 -19.14 27.74 -37.70
CA VAL D 120 -20.14 26.94 -38.44
C VAL D 120 -21.48 26.98 -37.74
N LYS D 121 -22.52 26.58 -38.46
CA LYS D 121 -23.85 26.29 -37.89
C LYS D 121 -23.75 24.99 -37.11
N PRO D 122 -24.52 24.86 -36.04
CA PRO D 122 -24.45 23.68 -35.17
C PRO D 122 -24.78 22.36 -35.86
N GLU D 123 -25.50 22.41 -36.96
CA GLU D 123 -25.89 21.21 -37.72
C GLU D 123 -24.73 20.73 -38.59
N GLN D 124 -23.61 21.48 -38.61
CA GLN D 124 -22.51 21.15 -39.51
C GLN D 124 -21.53 20.19 -38.81
N VAL D 125 -21.97 18.94 -38.61
CA VAL D 125 -21.21 17.97 -37.79
C VAL D 125 -19.95 17.40 -38.46
N GLU D 126 -19.74 17.73 -39.73
CA GLU D 126 -18.47 17.40 -40.41
C GLU D 126 -17.23 17.96 -39.69
N VAL D 127 -17.42 18.97 -38.86
CA VAL D 127 -16.29 19.51 -38.12
C VAL D 127 -15.78 18.51 -37.05
N ILE D 128 -16.59 17.53 -36.67
CA ILE D 128 -16.13 16.53 -35.70
C ILE D 128 -16.04 15.13 -36.27
N ALA D 129 -16.11 15.04 -37.60
CA ALA D 129 -15.82 13.79 -38.31
C ALA D 129 -14.40 13.28 -37.99
N PRO D 130 -14.14 11.97 -38.26
CA PRO D 130 -12.82 11.37 -38.01
C PRO D 130 -11.71 12.16 -38.70
N VAL D 131 -11.94 12.52 -39.96
CA VAL D 131 -11.17 13.53 -40.65
C VAL D 131 -11.90 14.87 -40.61
N PRO D 132 -11.37 15.85 -39.85
CA PRO D 132 -12.08 17.14 -39.77
C PRO D 132 -12.46 17.73 -41.12
N ASN D 133 -13.76 17.98 -41.27
CA ASN D 133 -14.35 18.53 -42.51
C ASN D 133 -14.34 17.59 -43.72
N GLN D 134 -13.94 16.33 -43.56
CA GLN D 134 -13.98 15.40 -44.68
C GLN D 134 -14.64 14.09 -44.26
N PRO D 135 -15.97 14.10 -44.11
CA PRO D 135 -16.71 13.01 -43.49
C PRO D 135 -16.65 11.69 -44.26
N ASP D 136 -16.43 11.77 -45.58
CA ASP D 136 -16.33 10.57 -46.42
C ASP D 136 -14.88 10.10 -46.57
N ALA D 137 -13.96 10.68 -45.79
CA ALA D 137 -12.54 10.33 -45.89
C ALA D 137 -12.05 9.39 -44.78
N GLN D 138 -11.08 8.55 -45.15
CA GLN D 138 -10.48 7.61 -44.21
C GLN D 138 -9.37 8.30 -43.38
N PRO D 139 -9.48 8.28 -42.02
CA PRO D 139 -8.48 8.96 -41.19
C PRO D 139 -7.12 8.31 -41.13
N THR D 140 -6.10 9.15 -41.11
CA THR D 140 -4.73 8.72 -40.90
C THR D 140 -3.97 9.51 -39.85
N ASP D 141 -4.50 10.67 -39.44
CA ASP D 141 -3.90 11.50 -38.40
C ASP D 141 -4.76 11.47 -37.15
N ARG D 142 -4.20 12.00 -36.07
CA ARG D 142 -4.92 12.10 -34.81
C ARG D 142 -5.19 13.58 -34.54
N TYR D 143 -6.46 13.92 -34.29
CA TYR D 143 -6.84 15.29 -34.06
C TYR D 143 -7.59 15.39 -32.77
N ILE D 144 -7.57 16.60 -32.26
CA ILE D 144 -8.44 17.04 -31.16
C ILE D 144 -9.21 18.20 -31.77
N THR D 145 -10.50 18.24 -31.48
CA THR D 145 -11.35 19.30 -31.88
C THR D 145 -11.99 19.94 -30.65
N LEU D 146 -11.92 21.26 -30.57
CA LEU D 146 -12.61 22.03 -29.47
C LEU D 146 -13.80 22.73 -30.05
N THR D 147 -14.96 22.65 -29.38
CA THR D 147 -16.14 23.30 -29.90
C THR D 147 -16.81 24.09 -28.81
N THR D 148 -17.32 25.24 -29.18
CA THR D 148 -18.12 26.08 -28.26
C THR D 148 -19.03 27.05 -29.03
N CYS D 149 -19.86 27.82 -28.32
CA CYS D 149 -20.77 28.76 -28.97
C CYS D 149 -20.15 30.07 -29.35
N HIS D 150 -20.68 30.66 -30.41
CA HIS D 150 -20.27 31.99 -30.84
C HIS D 150 -21.41 32.64 -31.64
N GLY D 151 -21.64 33.93 -31.44
CA GLY D 151 -22.66 34.63 -32.19
C GLY D 151 -22.18 35.41 -33.42
N SER D 152 -22.98 35.39 -34.48
CA SER D 152 -22.64 36.08 -35.70
C SER D 152 -22.60 37.58 -35.49
N THR D 153 -23.41 38.06 -34.53
CA THR D 153 -23.39 39.45 -34.12
C THR D 153 -22.77 39.64 -32.77
N ALA D 154 -23.14 38.82 -31.78
CA ALA D 154 -22.72 39.03 -30.39
C ALA D 154 -21.49 38.25 -29.93
N GLY D 155 -20.84 37.51 -30.83
CA GLY D 155 -19.62 36.80 -30.50
C GLY D 155 -19.73 35.94 -29.25
N GLU D 156 -18.95 36.31 -28.25
CA GLU D 156 -18.84 35.59 -27.01
C GLU D 156 -20.20 35.48 -26.30
N PHE D 157 -21.11 36.38 -26.62
CA PHE D 157 -22.39 36.44 -25.93
C PHE D 157 -23.55 35.82 -26.71
N GLY D 158 -23.27 35.28 -27.89
CA GLY D 158 -24.30 34.71 -28.73
C GLY D 158 -24.07 33.27 -29.05
N ASN D 159 -25.03 32.64 -29.72
CA ASN D 159 -24.95 31.20 -29.92
C ASN D 159 -25.70 30.70 -31.15
N ASP D 160 -25.77 31.51 -32.20
CA ASP D 160 -26.31 31.04 -33.46
C ASP D 160 -25.25 30.27 -34.26
N LEU D 161 -24.00 30.44 -33.89
CA LEU D 161 -22.88 29.70 -34.55
C LEU D 161 -22.02 28.96 -33.54
N ARG D 162 -21.00 28.27 -34.03
CA ARG D 162 -20.08 27.47 -33.23
C ARG D 162 -18.69 27.78 -33.69
N TRP D 163 -17.84 28.16 -32.73
CA TRP D 163 -16.40 28.33 -32.96
C TRP D 163 -15.73 26.95 -32.75
N ILE D 164 -14.98 26.51 -33.77
CA ILE D 164 -14.37 25.18 -33.83
C ILE D 164 -12.88 25.38 -34.02
N VAL D 165 -12.10 24.74 -33.17
CA VAL D 165 -10.65 24.68 -33.32
C VAL D 165 -10.18 23.23 -33.50
N HIS D 166 -9.40 23.01 -34.57
CA HIS D 166 -8.79 21.72 -34.82
C HIS D 166 -7.30 21.79 -34.54
N ALA D 167 -6.76 20.72 -33.98
CA ALA D 167 -5.31 20.61 -33.70
C ALA D 167 -4.83 19.17 -33.96
N LYS D 168 -3.73 19.07 -34.73
CA LYS D 168 -3.15 17.79 -35.09
CA LYS D 168 -3.15 17.78 -35.08
C LYS D 168 -2.06 17.38 -34.08
N PHE D 169 -2.05 16.10 -33.71
CA PHE D 169 -1.11 15.54 -32.78
C PHE D 169 0.33 15.81 -33.20
N ALA D 170 1.13 16.32 -32.27
CA ALA D 170 2.53 16.65 -32.48
C ALA D 170 3.45 15.66 -31.79
N TYR D 171 3.25 15.45 -30.48
CA TYR D 171 4.10 14.52 -29.72
C TYR D 171 3.50 14.18 -28.40
N TRP D 172 4.01 13.12 -27.79
CA TRP D 172 3.54 12.74 -26.46
C TRP D 172 4.68 12.53 -25.51
N MET D 173 4.39 12.52 -24.22
CA MET D 173 5.41 12.26 -23.22
C MET D 173 4.85 11.39 -22.13
N ASP D 174 5.68 10.51 -21.58
CA ASP D 174 5.35 9.74 -20.40
C ASP D 174 5.35 10.72 -19.24
N ARG D 175 4.22 10.79 -18.55
CA ARG D 175 4.03 11.77 -17.49
C ARG D 175 5.02 11.57 -16.33
N SER D 176 5.40 10.32 -16.04
CA SER D 176 6.36 10.07 -14.95
C SER D 176 7.80 10.37 -15.37
N GLU D 177 8.01 10.63 -16.67
CA GLU D 177 9.30 10.96 -17.26
C GLU D 177 9.55 12.43 -17.55
N GLY D 178 8.49 13.18 -17.83
CA GLY D 178 8.61 14.60 -18.06
C GLY D 178 7.30 15.24 -18.47
N ARG D 179 7.37 16.51 -18.80
CA ARG D 179 6.23 17.27 -19.27
C ARG D 179 6.69 18.36 -20.25
N PRO D 180 5.74 18.84 -21.08
CA PRO D 180 6.10 19.86 -22.06
C PRO D 180 6.60 21.11 -21.37
N GLU D 181 7.58 21.77 -21.98
CA GLU D 181 8.16 23.01 -21.44
C GLU D 181 7.11 24.13 -21.28
N SER D 182 6.04 24.08 -22.06
CA SER D 182 5.01 25.11 -22.06
C SER D 182 4.05 24.97 -20.89
N VAL D 183 4.22 23.91 -20.09
CA VAL D 183 3.37 23.70 -18.92
C VAL D 183 4.07 24.34 -17.73
N LEU D 184 3.48 25.37 -17.15
CA LEU D 184 4.17 26.20 -16.15
C LEU D 184 4.15 25.58 -14.76
N ASN D 185 3.26 24.62 -14.54
CA ASN D 185 3.13 23.95 -13.25
C ASN D 185 2.24 22.72 -13.42
N ASP D 186 2.18 21.85 -12.41
CA ASP D 186 1.40 20.63 -12.51
C ASP D 186 -0.06 21.04 -12.47
N PRO D 187 -0.87 20.70 -13.49
CA PRO D 187 -2.31 21.01 -13.44
C PRO D 187 -3.06 20.07 -12.47
N GLY D 188 -2.45 18.94 -12.13
CA GLY D 188 -3.09 17.96 -11.28
C GLY D 188 -2.13 17.47 -10.23
N VAL D 189 -2.17 16.18 -9.99
CA VAL D 189 -1.30 15.52 -9.03
C VAL D 189 -0.28 14.60 -9.77
N ASN D 190 1.01 14.85 -9.57
CA ASN D 190 2.11 14.14 -10.29
C ASN D 190 1.79 14.05 -11.78
CL CL E . 11.31 -6.18 1.81
CL CL F . -4.28 -22.10 10.48
CL CL G . -21.47 -7.52 14.79
CL CL H . 16.18 -30.03 43.28
CL CL I . 22.96 -14.12 26.75
CL CL J . 23.93 -27.80 8.62
CL CL K . -2.30 -0.46 -12.73
CL CL L . 3.54 22.55 -9.58
CL CL M . -1.19 24.24 12.67
CL CL N . -25.47 36.77 -32.41
CL CL O . -22.21 13.54 -27.54
CL CL P . -1.02 11.78 -35.89
#